data_9PX5
#
_entry.id   9PX5
#
_cell.length_a   119.900
_cell.length_b   64.230
_cell.length_c   160.800
_cell.angle_alpha   90.00
_cell.angle_beta   94.45
_cell.angle_gamma   90.00
#
_symmetry.space_group_name_H-M   'C 1 2 1'
#
loop_
_entity.id
_entity.type
_entity.pdbx_description
1 polymer 'Maltose/maltodextrin-binding periplasmic protein,Triggering receptor expressed on myeloid cells 2'
2 polymer '7268 Fab Heavy Chain'
3 polymer '7268 Fab Light Chain'
4 branched alpha-D-glucopyranose-(1-4)-beta-D-glucopyranose
5 non-polymer 'SULFATE ION'
#
loop_
_entity_poly.entity_id
_entity_poly.type
_entity_poly.pdbx_seq_one_letter_code
_entity_poly.pdbx_strand_id
1 'polypeptide(L)'
;KTEEGKLVIWINGDKGYNGLAEVGKKFEKDTGIKVTVEHPDKLEEKFPQVAATGDGPDIIFWAHDRFGGYAQSGLLAEIT
PAAAFQDKLYPFTWDAVRYNGKLIAYPIAVEALSLIYNKDLLPNPPKTWEEIPALDKELKAKGKSALMFNLQEPYFTWPL
IAADGGYAFKYAAGKYDIKDVGVDNAGAKAGLTFLVDLIKNKHMNADTDYSIAEHAFNHGETAMTINGPWAWSNIDTSAV
NYGVTVLPTFKGQPSKPFVGVLSAGINAASPNKELAKEFLENYLLTDEGLEAVNKDKPLGAVALKSYEEELVKDPRVAAT
MENAQKGEIMPNIPQMSAFWYAVRTAVINAASGRQTVDAALAAAQTNAHDTTVFQGVAGQSLQVSCPYDSMKHWGRRKAW
CRQLGEKGPCQRVVSTHNLWLLSFLRRWNGSTAITDDTLGGTLTITLRNLQPHDAGLYQCQSLHGSEADTLRKVLVEVLA
DPLDHHHHHHHH
;
A
2 'polypeptide(L)'
;QVQLQQWGAGLLKPSETLSLTCAVYGVSFSGYHWYWIRQPPGKGLEWIGEIDNKGQTNYNPSLKSRVTISVDTSKNQFSL
KLSSVTAADTAVYYCARGGSYYGHPYLAAPDIWGQGTMVTVSSASTKGPSVFPLAPSSKSTSGGTAALGCLVKDYFPEPV
TVSWNSGALTSGVHTFPAVLQSSGLYSLSSVVTVPSSSLGTQTYICNVNHKPSNTKVDKKVEPKSC
;
H
3 'polypeptide(L)'
;DIQMTQSPSSLSASVGDRVTITCRASQSISSYLNWYQQKPGKAPKLLIYAASSLQSGVPSRFSGSGSGTDFTLTISSLQP
EDFATYYCQQSYSTPYTFGQGTKLEIKRTVAAPSVFIFPPSDEQLKSGTASVVCLLNNFYPREAKVQWKVDNALQSGNSQ
ESVTEQDSKDSTYSLSSTLTLSKADYEKHKVYACEVTHQGLSSPVTKSFNRGEC
;
L
#
# COMPACT_ATOMS: atom_id res chain seq x y z
N GLU A 3 4.78 -25.37 15.44
CA GLU A 3 4.67 -26.82 15.45
C GLU A 3 5.39 -27.42 16.66
N GLU A 4 4.83 -28.49 17.21
CA GLU A 4 5.42 -29.13 18.38
C GLU A 4 6.76 -29.76 18.03
N GLY A 5 7.73 -29.56 18.91
CA GLY A 5 9.07 -30.08 18.68
C GLY A 5 9.97 -29.22 17.84
N LYS A 6 9.65 -27.94 17.67
CA LYS A 6 10.46 -27.02 16.89
C LYS A 6 10.45 -25.65 17.54
N LEU A 7 11.53 -24.90 17.33
CA LEU A 7 11.68 -23.56 17.86
C LEU A 7 11.86 -22.57 16.72
N VAL A 8 11.06 -21.51 16.73
CA VAL A 8 11.17 -20.42 15.76
C VAL A 8 11.51 -19.15 16.53
N ILE A 9 12.60 -18.49 16.14
CA ILE A 9 13.09 -17.31 16.82
C ILE A 9 13.10 -16.15 15.82
N TRP A 10 12.59 -15.00 16.24
CA TRP A 10 12.62 -13.78 15.45
C TRP A 10 13.55 -12.78 16.10
N ILE A 11 14.45 -12.20 15.30
CA ILE A 11 15.42 -11.23 15.77
C ILE A 11 15.48 -10.09 14.77
N ASN A 12 15.98 -8.95 15.22
CA ASN A 12 16.00 -7.76 14.40
C ASN A 12 17.02 -7.87 13.27
N GLY A 13 16.67 -7.27 12.13
CA GLY A 13 17.57 -7.29 10.99
C GLY A 13 18.88 -6.58 11.23
N ASP A 14 18.94 -5.70 12.23
CA ASP A 14 20.17 -5.00 12.57
C ASP A 14 21.02 -5.75 13.59
N LYS A 15 20.49 -6.80 14.20
CA LYS A 15 21.21 -7.58 15.20
C LYS A 15 21.88 -8.79 14.56
N GLY A 16 22.68 -9.48 15.37
CA GLY A 16 23.42 -10.64 14.89
C GLY A 16 22.65 -11.93 14.99
N TYR A 17 22.16 -12.43 13.84
CA TYR A 17 21.48 -13.71 13.79
C TYR A 17 22.39 -14.84 13.33
N ASN A 18 23.55 -14.53 12.75
CA ASN A 18 24.50 -15.58 12.39
C ASN A 18 25.08 -16.24 13.62
N GLY A 19 25.45 -15.44 14.62
CA GLY A 19 25.94 -16.01 15.87
C GLY A 19 24.85 -16.73 16.64
N LEU A 20 23.62 -16.24 16.58
CA LEU A 20 22.50 -16.94 17.18
C LEU A 20 22.20 -18.24 16.46
N ALA A 21 22.39 -18.28 15.14
CA ALA A 21 22.22 -19.52 14.39
C ALA A 21 23.26 -20.55 14.79
N GLU A 22 24.47 -20.11 15.14
CA GLU A 22 25.47 -21.05 15.65
C GLU A 22 25.04 -21.64 16.98
N VAL A 23 24.40 -20.83 17.83
CA VAL A 23 23.84 -21.37 19.07
C VAL A 23 22.75 -22.38 18.77
N GLY A 24 21.99 -22.15 17.70
CA GLY A 24 20.97 -23.11 17.31
C GLY A 24 21.53 -24.44 16.87
N LYS A 25 22.70 -24.42 16.23
CA LYS A 25 23.35 -25.67 15.86
C LYS A 25 23.81 -26.43 17.09
N LYS A 26 24.30 -25.72 18.11
CA LYS A 26 24.69 -26.38 19.35
C LYS A 26 23.47 -26.91 20.08
N PHE A 27 22.36 -26.17 20.04
CA PHE A 27 21.13 -26.64 20.67
C PHE A 27 20.56 -27.84 19.93
N GLU A 28 20.59 -27.81 18.60
CA GLU A 28 20.09 -28.93 17.82
C GLU A 28 20.97 -30.17 17.99
N LYS A 29 22.28 -29.98 18.20
CA LYS A 29 23.17 -31.12 18.32
C LYS A 29 22.93 -31.91 19.60
N ASP A 30 22.55 -31.23 20.68
CA ASP A 30 22.41 -31.89 21.97
C ASP A 30 21.01 -32.43 22.22
N THR A 31 19.98 -31.85 21.60
CA THR A 31 18.61 -32.26 21.83
C THR A 31 17.91 -32.82 20.60
N GLY A 32 18.41 -32.56 19.39
CA GLY A 32 17.74 -33.04 18.20
C GLY A 32 16.57 -32.21 17.73
N ILE A 33 16.43 -30.99 18.23
CA ILE A 33 15.31 -30.12 17.89
C ILE A 33 15.80 -29.07 16.91
N LYS A 34 15.18 -29.02 15.73
CA LYS A 34 15.55 -28.01 14.74
C LYS A 34 15.00 -26.65 15.17
N VAL A 35 15.87 -25.64 15.19
CA VAL A 35 15.49 -24.29 15.56
C VAL A 35 15.83 -23.36 14.40
N THR A 36 14.84 -22.58 13.97
CA THR A 36 14.97 -21.69 12.83
C THR A 36 14.92 -20.24 13.30
N VAL A 37 15.94 -19.47 12.96
CA VAL A 37 16.03 -18.07 13.33
C VAL A 37 15.67 -17.23 12.11
N GLU A 38 14.67 -16.36 12.25
CA GLU A 38 14.22 -15.48 11.18
C GLU A 38 14.37 -14.03 11.61
N HIS A 39 14.41 -13.13 10.62
CA HIS A 39 14.57 -11.70 10.86
C HIS A 39 13.66 -10.94 9.90
N PRO A 40 12.35 -10.97 10.15
CA PRO A 40 11.42 -10.25 9.28
C PRO A 40 11.49 -8.75 9.49
N ASP A 41 11.20 -8.01 8.43
CA ASP A 41 11.25 -6.55 8.50
C ASP A 41 10.05 -6.02 9.27
N LYS A 42 10.27 -4.94 10.02
CA LYS A 42 9.23 -4.32 10.84
C LYS A 42 8.56 -5.33 11.76
N LEU A 43 9.38 -6.20 12.37
CA LEU A 43 8.85 -7.24 13.24
C LEU A 43 8.20 -6.69 14.50
N GLU A 44 8.59 -5.48 14.93
CA GLU A 44 7.97 -4.90 16.12
C GLU A 44 6.49 -4.62 15.89
N GLU A 45 6.09 -4.39 14.64
CA GLU A 45 4.68 -4.23 14.30
C GLU A 45 4.07 -5.50 13.75
N LYS A 46 4.89 -6.40 13.18
CA LYS A 46 4.36 -7.61 12.55
C LYS A 46 4.14 -8.73 13.55
N PHE A 47 4.92 -8.78 14.64
CA PHE A 47 4.79 -9.87 15.60
C PHE A 47 3.40 -9.98 16.22
N PRO A 48 2.81 -8.91 16.78
CA PRO A 48 1.48 -9.09 17.39
C PRO A 48 0.41 -9.54 16.41
N GLN A 49 0.53 -9.16 15.13
CA GLN A 49 -0.47 -9.54 14.15
C GLN A 49 -0.52 -11.05 13.96
N VAL A 50 0.63 -11.72 14.01
CA VAL A 50 0.72 -13.14 13.67
C VAL A 50 0.93 -14.03 14.89
N ALA A 51 1.14 -13.47 16.08
CA ALA A 51 1.50 -14.28 17.24
C ALA A 51 0.36 -15.18 17.67
N ALA A 52 -0.80 -14.60 17.97
CA ALA A 52 -1.91 -15.38 18.54
C ALA A 52 -2.42 -16.43 17.57
N THR A 53 -2.22 -16.23 16.27
CA THR A 53 -2.77 -17.14 15.27
C THR A 53 -2.29 -18.56 15.48
N GLY A 54 -0.98 -18.72 15.70
CA GLY A 54 -0.38 -20.03 15.89
C GLY A 54 0.90 -20.19 15.09
N ASP A 55 0.97 -19.56 13.92
CA ASP A 55 2.13 -19.67 13.06
C ASP A 55 3.15 -18.59 13.42
N GLY A 56 3.19 -18.23 14.69
CA GLY A 56 4.08 -17.19 15.16
C GLY A 56 5.36 -17.75 15.73
N PRO A 57 6.33 -16.88 15.99
CA PRO A 57 7.61 -17.35 16.54
C PRO A 57 7.45 -17.72 18.00
N ASP A 58 8.27 -18.69 18.43
CA ASP A 58 8.27 -19.09 19.83
C ASP A 58 9.03 -18.10 20.70
N ILE A 59 10.09 -17.49 20.19
CA ILE A 59 10.88 -16.51 20.92
C ILE A 59 11.03 -15.27 20.06
N ILE A 60 10.79 -14.10 20.65
CA ILE A 60 10.92 -12.83 19.96
C ILE A 60 12.00 -12.01 20.65
N PHE A 61 12.81 -11.32 19.85
CA PHE A 61 13.86 -10.44 20.35
C PHE A 61 13.53 -9.00 19.96
N TRP A 62 13.43 -8.12 20.96
CA TRP A 62 13.23 -6.69 20.76
C TRP A 62 13.54 -6.00 22.07
N ALA A 63 13.62 -4.67 22.02
CA ALA A 63 13.87 -3.90 23.23
C ALA A 63 12.69 -3.99 24.19
N HIS A 64 12.95 -3.71 25.46
CA HIS A 64 11.99 -3.98 26.51
C HIS A 64 10.81 -3.03 26.52
N ASP A 65 10.90 -1.89 25.82
CA ASP A 65 9.80 -0.93 25.84
C ASP A 65 8.56 -1.48 25.15
N ARG A 66 8.73 -2.37 24.17
CA ARG A 66 7.60 -2.93 23.46
C ARG A 66 6.95 -4.09 24.19
N PHE A 67 7.63 -4.70 25.16
CA PHE A 67 7.14 -5.92 25.77
C PHE A 67 6.00 -5.68 26.75
N GLY A 68 5.82 -4.45 27.22
CA GLY A 68 4.73 -4.18 28.14
C GLY A 68 3.37 -4.21 27.48
N GLY A 69 3.28 -3.69 26.25
CA GLY A 69 2.04 -3.84 25.49
C GLY A 69 1.74 -5.29 25.17
N TYR A 70 2.77 -6.10 24.96
CA TYR A 70 2.56 -7.52 24.71
C TYR A 70 2.02 -8.22 25.96
N ALA A 71 2.57 -7.89 27.13
CA ALA A 71 2.14 -8.53 28.37
C ALA A 71 0.71 -8.16 28.70
N GLN A 72 0.32 -6.90 28.51
CA GLN A 72 -1.05 -6.48 28.78
C GLN A 72 -2.03 -7.18 27.85
N SER A 73 -1.61 -7.48 26.62
CA SER A 73 -2.45 -8.19 25.67
C SER A 73 -2.45 -9.70 25.90
N GLY A 74 -1.66 -10.20 26.85
CA GLY A 74 -1.63 -11.62 27.13
C GLY A 74 -0.91 -12.46 26.11
N LEU A 75 0.10 -11.90 25.43
CA LEU A 75 0.80 -12.61 24.37
C LEU A 75 2.06 -13.30 24.86
N LEU A 76 2.51 -13.03 26.09
CA LEU A 76 3.76 -13.57 26.61
C LEU A 76 3.51 -14.30 27.91
N ALA A 77 4.25 -15.38 28.13
CA ALA A 77 4.10 -16.21 29.31
C ALA A 77 5.00 -15.71 30.44
N GLU A 78 4.51 -15.86 31.67
CA GLU A 78 5.31 -15.53 32.84
C GLU A 78 6.46 -16.53 32.98
N ILE A 79 7.62 -16.02 33.39
CA ILE A 79 8.83 -16.81 33.51
C ILE A 79 9.11 -17.06 34.99
N THR A 80 9.62 -18.25 35.29
CA THR A 80 10.06 -18.61 36.64
C THR A 80 11.52 -19.04 36.60
N PRO A 81 12.44 -18.10 36.33
CA PRO A 81 13.85 -18.45 36.37
C PRO A 81 14.28 -18.74 37.80
N ALA A 82 14.69 -19.98 38.08
CA ALA A 82 15.08 -20.38 39.42
C ALA A 82 16.03 -19.35 40.02
N ALA A 83 15.72 -18.90 41.24
CA ALA A 83 16.40 -17.79 41.90
C ALA A 83 17.92 -17.84 41.74
N ALA A 84 18.47 -19.06 41.72
CA ALA A 84 19.91 -19.21 41.47
C ALA A 84 20.28 -18.68 40.08
N PHE A 85 19.44 -18.93 39.08
CA PHE A 85 19.74 -18.47 37.73
C PHE A 85 19.66 -16.96 37.64
N GLN A 86 18.73 -16.34 38.37
CA GLN A 86 18.58 -14.89 38.31
C GLN A 86 19.84 -14.17 38.77
N ASP A 87 20.59 -14.77 39.70
CA ASP A 87 21.82 -14.15 40.17
C ASP A 87 22.89 -14.10 39.10
N LYS A 88 22.78 -14.92 38.05
CA LYS A 88 23.73 -14.85 36.94
C LYS A 88 23.56 -13.56 36.15
N LEU A 89 22.36 -13.00 36.12
CA LEU A 89 22.09 -11.75 35.45
C LEU A 89 22.00 -10.61 36.46
N TYR A 90 22.25 -9.40 35.98
CA TYR A 90 22.23 -8.25 36.87
C TYR A 90 20.80 -7.90 37.25
N PRO A 91 20.54 -7.57 38.53
CA PRO A 91 19.18 -7.18 38.92
C PRO A 91 18.66 -5.96 38.17
N PHE A 92 19.55 -5.07 37.71
CA PHE A 92 19.11 -3.93 36.93
C PHE A 92 18.41 -4.37 35.65
N THR A 93 18.92 -5.43 35.01
CA THR A 93 18.28 -5.92 33.80
C THR A 93 16.97 -6.63 34.09
N TRP A 94 16.85 -7.27 35.26
CA TRP A 94 15.59 -7.91 35.64
C TRP A 94 14.51 -6.87 35.89
N ASP A 95 14.87 -5.73 36.47
CA ASP A 95 13.89 -4.67 36.71
C ASP A 95 13.35 -4.11 35.40
N ALA A 96 14.15 -4.16 34.33
CA ALA A 96 13.69 -3.64 33.04
C ALA A 96 12.61 -4.52 32.43
N VAL A 97 12.63 -5.81 32.71
CA VAL A 97 11.69 -6.76 32.11
C VAL A 97 10.58 -7.13 33.08
N ARG A 98 10.36 -6.33 34.12
CA ARG A 98 9.32 -6.59 35.11
C ARG A 98 8.11 -5.71 34.79
N TYR A 99 6.96 -6.36 34.55
CA TYR A 99 5.71 -5.66 34.26
C TYR A 99 4.63 -6.22 35.18
N ASN A 100 4.16 -5.39 36.11
CA ASN A 100 3.16 -5.81 37.10
C ASN A 100 3.61 -7.05 37.87
N GLY A 101 4.91 -7.20 38.06
CA GLY A 101 5.45 -8.36 38.75
C GLY A 101 5.49 -9.63 37.92
N LYS A 102 5.33 -9.53 36.60
CA LYS A 102 5.21 -10.73 35.79
C LYS A 102 6.57 -11.33 35.44
N LEU A 103 7.58 -10.49 35.18
CA LEU A 103 8.87 -10.93 34.66
C LEU A 103 8.68 -11.68 33.34
N ILE A 104 8.20 -10.92 32.35
CA ILE A 104 7.70 -11.52 31.12
C ILE A 104 8.82 -12.06 30.24
N ALA A 105 10.00 -11.44 30.24
CA ALA A 105 11.02 -11.77 29.26
C ALA A 105 12.37 -11.97 29.94
N TYR A 106 13.30 -12.54 29.18
CA TYR A 106 14.68 -12.68 29.63
C TYR A 106 15.48 -11.49 29.15
N PRO A 107 16.17 -10.76 30.03
CA PRO A 107 17.07 -9.71 29.56
C PRO A 107 18.36 -10.32 29.02
N ILE A 108 18.79 -9.82 27.87
CA ILE A 108 19.94 -10.37 27.14
C ILE A 108 21.11 -9.40 27.13
N ALA A 109 20.91 -8.18 26.64
CA ALA A 109 21.98 -7.21 26.54
C ALA A 109 21.41 -5.81 26.66
N VAL A 110 22.24 -4.89 27.14
CA VAL A 110 21.87 -3.49 27.30
C VAL A 110 22.48 -2.69 26.16
N GLU A 111 21.64 -1.94 25.44
CA GLU A 111 22.06 -1.16 24.29
C GLU A 111 21.92 0.33 24.58
N ALA A 112 22.83 1.11 24.03
CA ALA A 112 22.80 2.56 24.20
C ALA A 112 23.52 3.20 23.03
N LEU A 113 22.99 4.32 22.55
CA LEU A 113 23.61 5.06 21.46
C LEU A 113 24.95 5.64 21.90
N SER A 114 25.87 5.73 20.94
CA SER A 114 27.18 6.31 21.18
C SER A 114 27.55 7.22 20.02
N LEU A 115 28.49 8.12 20.28
CA LEU A 115 29.00 9.01 19.24
C LEU A 115 30.20 8.32 18.58
N ILE A 116 30.03 7.94 17.33
CA ILE A 116 31.09 7.26 16.56
C ILE A 116 31.65 8.26 15.57
N TYR A 117 32.97 8.49 15.65
CA TYR A 117 33.64 9.43 14.76
C TYR A 117 34.86 8.76 14.13
N ASN A 118 35.16 9.18 12.91
CA ASN A 118 36.27 8.61 12.14
C ASN A 118 37.54 9.40 12.44
N LYS A 119 38.60 8.69 12.85
CA LYS A 119 39.87 9.34 13.09
C LYS A 119 40.49 9.90 11.82
N ASP A 120 40.11 9.38 10.65
CA ASP A 120 40.56 9.97 9.40
C ASP A 120 39.96 11.36 9.21
N LEU A 121 38.67 11.51 9.48
CA LEU A 121 37.98 12.77 9.25
C LEU A 121 38.05 13.72 10.43
N LEU A 122 38.12 13.20 11.65
CA LEU A 122 38.17 14.06 12.83
C LEU A 122 39.13 13.51 13.87
N PRO A 123 40.12 14.30 14.31
CA PRO A 123 41.06 13.79 15.31
C PRO A 123 40.46 13.78 16.71
N ASN A 124 39.94 14.92 17.16
CA ASN A 124 39.31 15.03 18.47
C ASN A 124 37.84 15.37 18.28
N PRO A 125 36.91 14.56 18.80
CA PRO A 125 35.50 14.84 18.57
C PRO A 125 35.06 16.05 19.37
N PRO A 126 34.05 16.79 18.88
CA PRO A 126 33.58 17.95 19.63
C PRO A 126 32.87 17.52 20.91
N LYS A 127 33.15 18.26 21.99
CA LYS A 127 32.50 18.00 23.26
C LYS A 127 31.11 18.62 23.36
N THR A 128 30.78 19.54 22.47
CA THR A 128 29.51 20.24 22.49
C THR A 128 28.82 20.12 21.13
N TRP A 129 27.48 20.20 21.15
CA TRP A 129 26.72 20.18 19.91
C TRP A 129 26.90 21.47 19.11
N GLU A 130 27.13 22.59 19.80
CA GLU A 130 27.06 23.90 19.15
C GLU A 130 28.17 24.13 18.13
N GLU A 131 29.29 23.43 18.24
CA GLU A 131 30.40 23.63 17.32
C GLU A 131 30.38 22.67 16.13
N ILE A 132 29.34 21.85 16.02
CA ILE A 132 29.17 20.96 14.87
C ILE A 132 28.89 21.76 13.60
N PRO A 133 28.02 22.80 13.62
CA PRO A 133 27.85 23.60 12.40
C PRO A 133 29.15 24.21 11.90
N ALA A 134 30.00 24.72 12.80
CA ALA A 134 31.30 25.24 12.37
C ALA A 134 32.21 24.11 11.90
N LEU A 135 32.11 22.94 12.52
CA LEU A 135 32.92 21.81 12.09
C LEU A 135 32.47 21.27 10.74
N ASP A 136 31.16 21.34 10.46
CA ASP A 136 30.66 20.91 9.16
C ASP A 136 31.11 21.84 8.04
N LYS A 137 31.25 23.13 8.33
CA LYS A 137 31.73 24.06 7.31
C LYS A 137 33.18 23.76 6.94
N GLU A 138 33.99 23.38 7.93
CA GLU A 138 35.39 23.03 7.64
C GLU A 138 35.48 21.71 6.89
N LEU A 139 34.63 20.74 7.23
CA LEU A 139 34.67 19.44 6.57
C LEU A 139 34.10 19.51 5.15
N LYS A 140 33.16 20.42 4.91
CA LYS A 140 32.54 20.55 3.59
C LYS A 140 33.55 21.09 2.57
N SER A 145 31.36 15.66 5.22
CA SER A 145 30.40 16.22 6.17
C SER A 145 30.80 15.88 7.61
N ALA A 146 30.20 16.58 8.57
CA ALA A 146 30.54 16.39 9.97
C ALA A 146 29.79 15.23 10.62
N LEU A 147 28.49 15.11 10.38
CA LEU A 147 27.68 14.13 11.10
C LEU A 147 26.55 13.66 10.20
N MET A 148 26.31 12.34 10.23
CA MET A 148 25.19 11.73 9.51
C MET A 148 24.64 10.58 10.36
N PHE A 149 23.36 10.64 10.66
CA PHE A 149 22.72 9.56 11.43
C PHE A 149 21.24 9.53 11.08
N ASN A 150 20.59 8.42 11.48
CA ASN A 150 19.19 8.20 11.14
C ASN A 150 18.31 9.30 11.72
N LEU A 151 17.57 9.97 10.86
CA LEU A 151 16.58 10.96 11.27
C LEU A 151 15.15 10.46 11.10
N GLN A 152 14.98 9.23 10.63
CA GLN A 152 13.64 8.67 10.43
C GLN A 152 13.10 7.97 11.67
N GLU A 153 13.97 7.48 12.55
CA GLU A 153 13.57 6.87 13.79
C GLU A 153 13.87 7.81 14.95
N PRO A 154 12.89 8.12 15.80
CA PRO A 154 13.12 9.08 16.89
C PRO A 154 14.10 8.58 17.93
N TYR A 155 14.41 7.28 17.95
CA TYR A 155 15.38 6.75 18.91
C TYR A 155 16.75 7.39 18.74
N PHE A 156 17.11 7.74 17.50
CA PHE A 156 18.42 8.31 17.23
C PHE A 156 18.47 9.81 17.53
N THR A 157 17.37 10.52 17.33
CA THR A 157 17.33 11.97 17.52
C THR A 157 16.77 12.38 18.88
N TRP A 158 16.33 11.43 19.70
CA TRP A 158 15.83 11.74 21.03
C TRP A 158 16.89 12.26 21.98
N PRO A 159 18.12 11.71 22.01
CA PRO A 159 19.13 12.21 22.97
C PRO A 159 19.36 13.71 22.88
N LEU A 160 19.21 14.32 21.71
CA LEU A 160 19.30 15.77 21.62
C LEU A 160 18.05 16.43 22.18
N ILE A 161 16.88 15.83 21.94
CA ILE A 161 15.64 16.39 22.47
C ILE A 161 15.60 16.28 23.99
N ALA A 162 16.12 15.18 24.54
CA ALA A 162 16.12 14.95 25.98
C ALA A 162 17.29 15.62 26.70
N ALA A 163 18.25 16.19 25.96
CA ALA A 163 19.44 16.73 26.60
C ALA A 163 19.10 17.88 27.55
N ASP A 164 18.11 18.69 27.20
CA ASP A 164 17.73 19.86 27.99
C ASP A 164 16.53 19.59 28.88
N GLY A 165 16.42 18.39 29.44
CA GLY A 165 15.41 18.10 30.43
C GLY A 165 14.11 17.55 29.92
N GLY A 166 14.01 17.23 28.63
CA GLY A 166 12.81 16.61 28.12
C GLY A 166 12.62 15.21 28.66
N TYR A 167 11.36 14.81 28.84
CA TYR A 167 11.06 13.51 29.39
C TYR A 167 9.78 12.96 28.77
N ALA A 168 9.66 11.64 28.79
CA ALA A 168 8.49 10.96 28.22
C ALA A 168 7.37 10.90 29.25
N PHE A 169 7.54 10.08 30.28
CA PHE A 169 6.57 9.94 31.35
C PHE A 169 7.27 10.10 32.69
N LYS A 170 6.69 10.92 33.56
CA LYS A 170 7.30 11.17 34.86
C LYS A 170 7.31 9.93 35.73
N TYR A 171 8.44 9.67 36.38
CA TYR A 171 8.63 8.50 37.23
C TYR A 171 8.79 8.98 38.67
N ALA A 172 7.74 8.81 39.47
CA ALA A 172 7.73 9.20 40.88
C ALA A 172 7.58 7.95 41.74
N ALA A 173 8.64 7.62 42.47
CA ALA A 173 8.68 6.51 43.41
C ALA A 173 8.34 5.19 42.71
N GLY A 174 9.16 4.85 41.71
CA GLY A 174 9.01 3.64 40.93
C GLY A 174 7.75 3.54 40.09
N LYS A 175 6.83 4.49 40.18
CA LYS A 175 5.60 4.45 39.39
C LYS A 175 5.61 5.56 38.35
N TYR A 176 5.30 5.21 37.10
CA TYR A 176 5.26 6.19 36.04
C TYR A 176 3.93 6.94 36.05
N ASP A 177 3.98 8.25 35.91
CA ASP A 177 2.77 9.08 35.85
C ASP A 177 2.42 9.27 34.38
N ILE A 178 1.40 8.55 33.91
CA ILE A 178 0.97 8.64 32.52
C ILE A 178 0.32 9.98 32.19
N LYS A 179 0.07 10.82 33.19
CA LYS A 179 -0.55 12.11 32.96
C LYS A 179 0.47 13.23 32.81
N ASP A 180 1.72 13.00 33.18
CA ASP A 180 2.78 14.01 33.11
C ASP A 180 3.71 13.64 31.95
N VAL A 181 3.38 14.15 30.77
CA VAL A 181 4.17 13.93 29.56
C VAL A 181 4.89 15.23 29.21
N GLY A 182 6.16 15.12 28.84
CA GLY A 182 6.97 16.29 28.56
C GLY A 182 7.66 16.30 27.20
N VAL A 183 6.88 16.33 26.13
CA VAL A 183 7.46 16.44 24.79
C VAL A 183 7.53 17.88 24.32
N ASP A 184 6.82 18.81 24.98
CA ASP A 184 6.81 20.21 24.59
C ASP A 184 7.33 21.11 25.70
N ASN A 185 8.17 20.58 26.58
CA ASN A 185 8.70 21.39 27.67
C ASN A 185 9.75 22.36 27.13
N ALA A 186 10.25 23.21 28.02
CA ALA A 186 11.18 24.28 27.60
C ALA A 186 12.43 23.71 26.94
N GLY A 187 12.88 22.54 27.38
CA GLY A 187 14.09 21.97 26.82
C GLY A 187 13.90 21.30 25.48
N ALA A 188 12.74 20.69 25.26
CA ALA A 188 12.49 20.00 24.00
C ALA A 188 12.37 20.99 22.84
N LYS A 189 11.76 22.15 23.09
CA LYS A 189 11.63 23.15 22.04
C LYS A 189 13.00 23.67 21.60
N ALA A 190 13.91 23.88 22.55
CA ALA A 190 15.25 24.33 22.20
C ALA A 190 16.06 23.21 21.55
N GLY A 191 15.85 21.97 22.01
CA GLY A 191 16.62 20.86 21.46
C GLY A 191 16.25 20.53 20.03
N LEU A 192 14.94 20.44 19.75
CA LEU A 192 14.50 20.10 18.41
C LEU A 192 14.81 21.20 17.41
N THR A 193 14.77 22.46 17.85
CA THR A 193 15.11 23.57 16.97
C THR A 193 16.54 23.47 16.47
N PHE A 194 17.45 23.00 17.32
CA PHE A 194 18.84 22.84 16.91
C PHE A 194 18.96 21.80 15.80
N LEU A 195 18.23 20.68 15.92
CA LEU A 195 18.26 19.67 14.88
C LEU A 195 17.72 20.21 13.55
N VAL A 196 16.63 20.98 13.62
CA VAL A 196 16.06 21.55 12.41
C VAL A 196 17.00 22.59 11.81
N ASP A 197 17.65 23.39 12.65
CA ASP A 197 18.61 24.37 12.15
C ASP A 197 19.80 23.71 11.48
N LEU A 198 20.19 22.52 11.95
CA LEU A 198 21.26 21.78 11.28
C LEU A 198 20.86 21.40 9.86
N ILE A 199 19.60 21.03 9.66
CA ILE A 199 19.12 20.66 8.33
C ILE A 199 18.87 21.91 7.49
N LYS A 200 18.35 22.97 8.10
CA LYS A 200 18.09 24.20 7.37
C LYS A 200 19.39 24.83 6.88
N ASN A 201 20.46 24.72 7.66
CA ASN A 201 21.76 25.25 7.28
C ASN A 201 22.56 24.26 6.42
N LYS A 202 21.90 23.23 5.89
CA LYS A 202 22.52 22.26 4.98
C LYS A 202 23.68 21.50 5.64
N HIS A 203 23.63 21.36 6.96
CA HIS A 203 24.58 20.49 7.64
C HIS A 203 24.11 19.05 7.70
N MET A 204 22.80 18.81 7.62
CA MET A 204 22.24 17.48 7.51
C MET A 204 21.10 17.51 6.51
N ASN A 205 20.73 16.33 6.02
CA ASN A 205 19.64 16.18 5.06
C ASN A 205 18.44 15.56 5.75
N ALA A 206 17.24 16.01 5.38
CA ALA A 206 16.02 15.54 6.02
C ALA A 206 15.67 14.11 5.62
N ASP A 207 16.20 13.62 4.50
CA ASP A 207 15.88 12.29 4.00
C ASP A 207 16.92 11.24 4.40
N THR A 208 17.82 11.57 5.33
CA THR A 208 18.84 10.62 5.76
C THR A 208 18.22 9.55 6.65
N ASP A 209 18.55 8.29 6.37
CA ASP A 209 18.05 7.16 7.14
C ASP A 209 19.23 6.36 7.69
N TYR A 210 18.92 5.19 8.26
CA TYR A 210 19.95 4.33 8.83
C TYR A 210 20.87 3.78 7.74
N SER A 211 20.29 3.28 6.65
CA SER A 211 21.09 2.65 5.61
C SER A 211 22.04 3.63 4.94
N ILE A 212 21.65 4.90 4.85
CA ILE A 212 22.52 5.90 4.24
C ILE A 212 23.73 6.17 5.13
N ALA A 213 23.51 6.24 6.45
CA ALA A 213 24.60 6.57 7.36
C ALA A 213 25.63 5.44 7.41
N GLU A 214 25.18 4.19 7.34
CA GLU A 214 26.12 3.07 7.35
C GLU A 214 27.01 3.08 6.12
N HIS A 215 26.44 3.37 4.95
CA HIS A 215 27.22 3.43 3.73
C HIS A 215 28.15 4.64 3.70
N ALA A 216 27.70 5.77 4.25
CA ALA A 216 28.48 7.01 4.19
C ALA A 216 29.65 6.99 5.16
N PHE A 217 29.41 6.60 6.41
CA PHE A 217 30.49 6.63 7.40
C PHE A 217 31.54 5.56 7.12
N ASN A 218 31.11 4.35 6.79
CA ASN A 218 32.04 3.26 6.51
C ASN A 218 32.86 3.52 5.26
N HIS A 219 32.48 4.47 4.42
CA HIS A 219 33.26 4.86 3.26
C HIS A 219 34.06 6.14 3.49
N GLY A 220 34.09 6.63 4.73
CA GLY A 220 34.87 7.81 5.03
C GLY A 220 34.32 9.10 4.47
N GLU A 221 33.00 9.18 4.28
CA GLU A 221 32.38 10.37 3.71
C GLU A 221 31.90 11.35 4.77
N THR A 222 31.53 10.87 5.95
CA THR A 222 31.10 11.73 7.05
C THR A 222 32.03 11.53 8.23
N ALA A 223 32.16 12.59 9.03
CA ALA A 223 33.12 12.58 10.13
C ALA A 223 32.57 11.88 11.37
N MET A 224 31.26 11.94 11.59
CA MET A 224 30.66 11.36 12.79
C MET A 224 29.35 10.66 12.43
N THR A 225 28.95 9.74 13.30
CA THR A 225 27.65 9.09 13.19
C THR A 225 27.19 8.72 14.59
N ILE A 226 25.89 8.46 14.72
CA ILE A 226 25.26 8.09 15.97
C ILE A 226 24.61 6.73 15.78
N ASN A 227 25.10 5.73 16.50
CA ASN A 227 24.60 4.37 16.35
C ASN A 227 24.90 3.59 17.61
N GLY A 228 24.38 2.36 17.67
CA GLY A 228 24.56 1.50 18.81
C GLY A 228 25.68 0.50 18.62
N PRO A 229 25.82 -0.42 19.59
CA PRO A 229 26.90 -1.42 19.48
C PRO A 229 26.77 -2.34 18.29
N TRP A 230 25.55 -2.60 17.81
CA TRP A 230 25.35 -3.52 16.71
C TRP A 230 26.04 -3.07 15.43
N ALA A 231 26.32 -1.77 15.29
CA ALA A 231 26.91 -1.25 14.06
C ALA A 231 28.43 -1.38 14.01
N TRP A 232 29.06 -1.78 15.12
CA TRP A 232 30.53 -1.83 15.16
C TRP A 232 31.10 -2.88 14.22
N SER A 233 30.40 -4.00 14.05
CA SER A 233 30.93 -5.10 13.24
C SER A 233 31.06 -4.71 11.78
N ASN A 234 30.11 -3.94 11.26
CA ASN A 234 30.18 -3.52 9.86
C ASN A 234 31.19 -2.40 9.65
N ILE A 235 31.43 -1.57 10.67
CA ILE A 235 32.44 -0.52 10.54
C ILE A 235 33.84 -1.09 10.63
N ASP A 236 34.03 -2.15 11.44
CA ASP A 236 35.33 -2.82 11.49
C ASP A 236 35.69 -3.41 10.13
N THR A 237 34.68 -3.92 9.40
CA THR A 237 34.95 -4.49 8.09
C THR A 237 35.38 -3.43 7.09
N SER A 238 34.88 -2.20 7.23
CA SER A 238 35.24 -1.12 6.33
C SER A 238 36.68 -0.66 6.49
N ALA A 239 37.36 -1.09 7.56
CA ALA A 239 38.76 -0.77 7.87
C ALA A 239 38.96 0.71 8.19
N VAL A 240 37.89 1.50 8.29
CA VAL A 240 38.03 2.89 8.71
C VAL A 240 38.29 2.93 10.21
N ASN A 241 39.32 3.66 10.61
CA ASN A 241 39.65 3.78 12.03
C ASN A 241 38.62 4.68 12.69
N TYR A 242 37.61 4.08 13.29
CA TYR A 242 36.52 4.79 13.95
C TYR A 242 36.72 4.75 15.46
N GLY A 243 36.12 5.73 16.14
CA GLY A 243 36.17 5.81 17.58
C GLY A 243 34.76 5.83 18.16
N VAL A 244 34.65 5.33 19.40
CA VAL A 244 33.38 5.33 20.12
C VAL A 244 33.57 6.16 21.38
N THR A 245 32.78 7.22 21.52
CA THR A 245 32.97 8.18 22.60
C THR A 245 31.61 8.64 23.09
N VAL A 246 31.63 9.62 24.01
CA VAL A 246 30.41 10.15 24.62
C VAL A 246 29.76 11.15 23.66
N LEU A 247 28.43 11.22 23.73
CA LEU A 247 27.69 12.16 22.90
C LEU A 247 27.99 13.60 23.32
N PRO A 248 27.91 14.54 22.38
CA PRO A 248 28.17 15.95 22.73
C PRO A 248 27.10 16.50 23.65
N THR A 249 27.48 17.54 24.39
CA THR A 249 26.55 18.20 25.29
C THR A 249 25.74 19.25 24.54
N PHE A 250 24.53 19.52 25.04
CA PHE A 250 23.65 20.53 24.47
C PHE A 250 23.29 21.52 25.57
N LYS A 251 23.59 22.80 25.34
CA LYS A 251 23.38 23.84 26.34
C LYS A 251 24.10 23.51 27.64
N GLY A 252 25.28 22.90 27.50
CA GLY A 252 26.07 22.48 28.64
C GLY A 252 25.62 21.20 29.31
N GLN A 253 24.48 20.64 28.91
CA GLN A 253 23.92 19.44 29.49
C GLN A 253 24.19 18.23 28.61
N PRO A 254 24.54 17.09 29.21
CA PRO A 254 24.84 15.91 28.40
C PRO A 254 23.60 15.39 27.68
N SER A 255 23.82 14.78 26.52
CA SER A 255 22.75 14.11 25.82
C SER A 255 22.29 12.88 26.59
N LYS A 256 20.98 12.64 26.59
CA LYS A 256 20.38 11.55 27.36
C LYS A 256 19.81 10.52 26.41
N PRO A 257 20.60 9.57 25.93
CA PRO A 257 20.05 8.52 25.05
C PRO A 257 19.19 7.55 25.84
N PHE A 258 18.11 7.09 25.21
CA PHE A 258 17.26 6.08 25.82
C PHE A 258 17.97 4.75 25.89
N VAL A 259 17.99 4.14 27.07
CA VAL A 259 18.69 2.89 27.30
C VAL A 259 17.78 1.73 26.90
N GLY A 260 18.29 0.88 26.03
CA GLY A 260 17.53 -0.27 25.53
C GLY A 260 18.11 -1.57 26.06
N VAL A 261 17.22 -2.48 26.44
CA VAL A 261 17.60 -3.79 26.95
C VAL A 261 17.07 -4.84 25.99
N LEU A 262 17.98 -5.51 25.29
CA LEU A 262 17.59 -6.60 24.40
C LEU A 262 16.97 -7.73 25.22
N SER A 263 15.75 -8.11 24.88
CA SER A 263 15.00 -9.08 25.65
C SER A 263 14.45 -10.17 24.74
N ALA A 264 14.19 -11.33 25.33
CA ALA A 264 13.66 -12.50 24.62
C ALA A 264 12.37 -12.92 25.30
N GLY A 265 11.24 -12.75 24.62
CA GLY A 265 9.95 -13.15 25.12
C GLY A 265 9.48 -14.44 24.48
N ILE A 266 8.71 -15.22 25.25
CA ILE A 266 8.20 -16.52 24.81
C ILE A 266 6.72 -16.36 24.49
N ASN A 267 6.34 -16.75 23.27
CA ASN A 267 4.96 -16.63 22.83
C ASN A 267 4.06 -17.48 23.73
N ALA A 268 2.93 -16.91 24.15
CA ALA A 268 2.03 -17.60 25.07
C ALA A 268 1.33 -18.78 24.41
N ALA A 269 1.13 -18.73 23.09
CA ALA A 269 0.47 -19.81 22.38
C ALA A 269 1.42 -20.91 21.92
N SER A 270 2.72 -20.72 22.09
CA SER A 270 3.69 -21.72 21.64
C SER A 270 3.67 -22.92 22.59
N PRO A 271 3.59 -24.14 22.06
CA PRO A 271 3.70 -25.34 22.91
C PRO A 271 5.13 -25.74 23.26
N ASN A 272 6.12 -24.91 22.91
CA ASN A 272 7.52 -25.22 23.15
C ASN A 272 8.12 -24.29 24.21
N LYS A 273 7.32 -23.88 25.20
CA LYS A 273 7.84 -22.99 26.23
C LYS A 273 8.96 -23.64 27.02
N GLU A 274 8.79 -24.91 27.38
CA GLU A 274 9.83 -25.62 28.11
C GLU A 274 11.10 -25.75 27.28
N LEU A 275 10.96 -26.07 25.99
CA LEU A 275 12.13 -26.15 25.12
C LEU A 275 12.76 -24.78 24.93
N ALA A 276 11.95 -23.74 24.79
CA ALA A 276 12.48 -22.39 24.68
C ALA A 276 13.17 -21.96 25.97
N LYS A 277 12.52 -22.21 27.12
CA LYS A 277 13.13 -21.85 28.39
C LYS A 277 14.43 -22.60 28.61
N GLU A 278 14.46 -23.89 28.25
CA GLU A 278 15.70 -24.64 28.34
C GLU A 278 16.74 -24.13 27.35
N PHE A 279 16.30 -23.57 26.23
CA PHE A 279 17.24 -22.97 25.28
C PHE A 279 17.75 -21.63 25.80
N LEU A 280 16.85 -20.76 26.26
CA LEU A 280 17.26 -19.43 26.70
C LEU A 280 18.15 -19.49 27.93
N GLU A 281 17.81 -20.36 28.89
CA GLU A 281 18.55 -20.41 30.14
C GLU A 281 19.86 -21.19 30.01
N ASN A 282 19.84 -22.32 29.31
CA ASN A 282 20.99 -23.20 29.24
C ASN A 282 21.85 -23.01 28.01
N TYR A 283 21.40 -22.23 27.02
CA TYR A 283 22.18 -22.08 25.80
C TYR A 283 22.35 -20.64 25.37
N LEU A 284 21.34 -19.79 25.55
CA LEU A 284 21.46 -18.40 25.13
C LEU A 284 22.27 -17.59 26.13
N LEU A 285 21.98 -17.73 27.42
CA LEU A 285 22.60 -16.91 28.45
C LEU A 285 23.84 -17.59 29.03
N THR A 286 24.80 -17.84 28.16
CA THR A 286 26.11 -18.34 28.56
C THR A 286 27.17 -17.60 27.77
N ASP A 287 28.40 -17.64 28.29
CA ASP A 287 29.52 -17.01 27.60
C ASP A 287 29.74 -17.66 26.24
N GLU A 288 29.57 -18.98 26.15
CA GLU A 288 29.74 -19.68 24.89
C GLU A 288 28.72 -19.21 23.86
N GLY A 289 27.46 -19.09 24.26
CA GLY A 289 26.44 -18.66 23.32
C GLY A 289 26.55 -17.20 22.94
N LEU A 290 26.84 -16.34 23.92
CA LEU A 290 26.94 -14.90 23.66
C LEU A 290 28.22 -14.53 22.90
N GLU A 291 29.34 -15.23 23.15
CA GLU A 291 30.56 -14.94 22.41
C GLU A 291 30.38 -15.24 20.93
N ALA A 292 29.60 -16.26 20.59
CA ALA A 292 29.30 -16.52 19.19
C ALA A 292 28.41 -15.43 18.61
N VAL A 293 27.44 -14.95 19.39
CA VAL A 293 26.57 -13.88 18.93
C VAL A 293 27.32 -12.56 18.89
N ASN A 294 28.15 -12.29 19.90
CA ASN A 294 28.91 -11.04 19.94
C ASN A 294 29.88 -10.95 18.75
N LYS A 295 30.42 -12.08 18.31
CA LYS A 295 31.33 -12.06 17.17
C LYS A 295 30.61 -11.70 15.88
N ASP A 296 29.32 -12.02 15.78
CA ASP A 296 28.53 -11.66 14.61
C ASP A 296 28.24 -10.16 14.62
N LYS A 297 27.40 -9.72 15.55
CA LYS A 297 27.11 -8.31 15.74
C LYS A 297 27.21 -8.00 17.23
N PRO A 298 27.95 -6.96 17.62
CA PRO A 298 28.12 -6.69 19.05
C PRO A 298 26.79 -6.38 19.74
N LEU A 299 26.62 -6.97 20.93
CA LEU A 299 25.40 -6.79 21.70
C LEU A 299 25.44 -5.57 22.62
N GLY A 300 26.64 -5.17 23.05
CA GLY A 300 26.78 -4.06 23.97
C GLY A 300 27.13 -4.52 25.36
N ALA A 301 26.35 -4.09 26.35
CA ALA A 301 26.55 -4.48 27.75
C ALA A 301 25.61 -5.65 28.04
N VAL A 302 26.18 -6.86 28.06
CA VAL A 302 25.36 -8.05 28.28
C VAL A 302 24.88 -8.11 29.72
N ALA A 303 23.77 -8.83 29.93
CA ALA A 303 23.20 -8.99 31.26
C ALA A 303 23.91 -10.04 32.09
N LEU A 304 24.62 -10.98 31.45
CA LEU A 304 25.32 -12.02 32.18
C LEU A 304 26.55 -11.44 32.86
N LYS A 305 26.63 -11.60 34.18
CA LYS A 305 27.71 -10.98 34.95
C LYS A 305 29.06 -11.54 34.55
N SER A 306 29.15 -12.85 34.30
CA SER A 306 30.43 -13.46 33.97
C SER A 306 30.99 -12.93 32.66
N TYR A 307 30.13 -12.76 31.65
CA TYR A 307 30.60 -12.27 30.36
C TYR A 307 30.71 -10.75 30.33
N GLU A 308 29.91 -10.05 31.13
CA GLU A 308 30.01 -8.60 31.19
C GLU A 308 31.36 -8.15 31.76
N GLU A 309 31.92 -8.93 32.70
CA GLU A 309 33.20 -8.56 33.29
C GLU A 309 34.32 -8.54 32.24
N GLU A 310 34.19 -9.32 31.17
CA GLU A 310 35.14 -9.28 30.07
C GLU A 310 34.80 -8.22 29.03
N LEU A 311 33.52 -8.10 28.67
CA LEU A 311 33.13 -7.12 27.67
C LEU A 311 33.33 -5.69 28.15
N VAL A 312 33.16 -5.43 29.45
CA VAL A 312 33.29 -4.08 29.96
C VAL A 312 34.72 -3.56 29.83
N LYS A 313 35.70 -4.44 29.70
CA LYS A 313 37.07 -4.02 29.47
C LYS A 313 37.28 -3.46 28.07
N ASP A 314 36.41 -3.82 27.13
CA ASP A 314 36.51 -3.27 25.78
C ASP A 314 36.10 -1.80 25.79
N PRO A 315 36.91 -0.91 25.21
CA PRO A 315 36.57 0.52 25.26
C PRO A 315 35.26 0.86 24.56
N ARG A 316 34.87 0.09 23.54
CA ARG A 316 33.61 0.34 22.87
C ARG A 316 32.43 0.07 23.78
N VAL A 317 32.52 -0.98 24.60
CA VAL A 317 31.44 -1.27 25.55
C VAL A 317 31.47 -0.28 26.70
N ALA A 318 32.67 0.14 27.12
CA ALA A 318 32.78 1.11 28.21
C ALA A 318 32.23 2.48 27.79
N ALA A 319 32.47 2.87 26.54
CA ALA A 319 31.90 4.12 26.04
C ALA A 319 30.39 4.04 25.91
N THR A 320 29.87 2.85 25.61
CA THR A 320 28.42 2.66 25.59
C THR A 320 27.82 2.84 26.99
N MET A 321 28.50 2.33 28.01
CA MET A 321 28.02 2.50 29.38
C MET A 321 28.08 3.95 29.83
N GLU A 322 29.06 4.71 29.34
CA GLU A 322 29.15 6.13 29.70
C GLU A 322 27.94 6.89 29.17
N ASN A 323 27.54 6.63 27.92
CA ASN A 323 26.33 7.25 27.40
C ASN A 323 25.08 6.68 28.05
N ALA A 324 25.09 5.39 28.40
CA ALA A 324 23.93 4.79 29.05
C ALA A 324 23.73 5.35 30.45
N GLN A 325 24.81 5.61 31.18
CA GLN A 325 24.69 6.17 32.52
C GLN A 325 24.19 7.60 32.50
N LYS A 326 24.50 8.35 31.43
CA LYS A 326 24.00 9.71 31.30
C LYS A 326 22.53 9.75 30.89
N GLY A 327 22.02 8.69 30.25
CA GLY A 327 20.63 8.60 29.90
C GLY A 327 19.85 7.74 30.89
N GLU A 328 18.54 7.71 30.67
CA GLU A 328 17.62 6.96 31.53
C GLU A 328 17.06 5.76 30.79
N ILE A 329 16.67 4.74 31.56
CA ILE A 329 16.14 3.52 30.97
C ILE A 329 14.77 3.79 30.37
N MET A 330 14.45 3.06 29.30
CA MET A 330 13.15 3.20 28.67
C MET A 330 12.08 2.57 29.55
N PRO A 331 10.93 3.21 29.71
CA PRO A 331 9.80 2.55 30.37
C PRO A 331 9.30 1.39 29.54
N ASN A 332 8.78 0.38 30.23
CA ASN A 332 8.19 -0.78 29.58
C ASN A 332 6.67 -0.75 29.60
N ILE A 333 6.07 0.39 29.94
CA ILE A 333 4.62 0.51 30.04
C ILE A 333 4.01 0.41 28.64
N PRO A 334 2.76 -0.04 28.52
CA PRO A 334 2.16 -0.16 27.18
C PRO A 334 2.00 1.16 26.44
N GLN A 335 1.95 2.28 27.17
CA GLN A 335 1.77 3.59 26.53
C GLN A 335 3.02 4.06 25.78
N MET A 336 4.13 3.32 25.86
CA MET A 336 5.36 3.76 25.19
C MET A 336 5.24 3.68 23.67
N SER A 337 4.46 2.71 23.16
CA SER A 337 4.34 2.55 21.71
C SER A 337 3.67 3.77 21.07
N ALA A 338 2.61 4.30 21.71
CA ALA A 338 1.99 5.51 21.20
C ALA A 338 2.92 6.71 21.34
N PHE A 339 3.77 6.72 22.36
CA PHE A 339 4.70 7.81 22.55
C PHE A 339 5.74 7.85 21.43
N TRP A 340 6.27 6.70 21.05
CA TRP A 340 7.32 6.67 20.03
C TRP A 340 6.79 7.10 18.67
N TYR A 341 5.59 6.65 18.30
CA TYR A 341 5.03 7.03 17.01
C TYR A 341 4.73 8.52 16.95
N ALA A 342 4.23 9.10 18.04
CA ALA A 342 3.91 10.52 18.06
C ALA A 342 5.17 11.37 17.91
N VAL A 343 6.25 10.99 18.60
CA VAL A 343 7.49 11.73 18.46
C VAL A 343 8.11 11.48 17.09
N ARG A 344 7.95 10.27 16.56
CA ARG A 344 8.48 9.96 15.23
C ARG A 344 7.86 10.86 14.17
N THR A 345 6.53 11.00 14.21
CA THR A 345 5.84 11.85 13.23
C THR A 345 6.21 13.32 13.41
N ALA A 346 6.40 13.75 14.66
CA ALA A 346 6.71 15.15 14.92
C ALA A 346 8.10 15.52 14.42
N VAL A 347 9.08 14.63 14.61
CA VAL A 347 10.45 14.91 14.19
C VAL A 347 10.54 14.98 12.67
N ILE A 348 9.80 14.12 11.97
CA ILE A 348 9.87 14.08 10.51
C ILE A 348 9.33 15.38 9.91
N ASN A 349 8.24 15.90 10.46
CA ASN A 349 7.65 17.13 9.91
C ASN A 349 8.59 18.32 10.08
N ALA A 350 9.28 18.39 11.21
CA ALA A 350 10.18 19.52 11.45
C ALA A 350 11.40 19.47 10.54
N ALA A 351 11.86 18.26 10.19
CA ALA A 351 13.02 18.14 9.32
C ALA A 351 12.68 18.61 7.91
N SER A 352 11.45 18.36 7.46
CA SER A 352 11.06 18.74 6.11
C SER A 352 10.58 20.18 6.02
N GLY A 353 10.26 20.81 7.14
CA GLY A 353 9.77 22.17 7.17
C GLY A 353 8.29 22.33 6.91
N ARG A 354 7.54 21.23 6.81
CA ARG A 354 6.10 21.33 6.58
C ARG A 354 5.38 21.94 7.77
N GLN A 355 5.87 21.71 8.98
CA GLN A 355 5.35 22.32 10.18
C GLN A 355 6.50 22.83 11.04
N THR A 356 6.19 23.84 11.87
CA THR A 356 7.19 24.38 12.77
C THR A 356 7.46 23.40 13.91
N VAL A 357 8.54 23.68 14.66
CA VAL A 357 8.87 22.85 15.81
C VAL A 357 7.78 22.94 16.87
N ASP A 358 7.20 24.13 17.06
CA ASP A 358 6.14 24.31 18.04
C ASP A 358 4.91 23.49 17.67
N ALA A 359 4.51 23.54 16.40
CA ALA A 359 3.31 22.81 15.98
C ALA A 359 3.56 21.30 15.96
N ALA A 360 4.77 20.87 15.62
CA ALA A 360 5.06 19.45 15.60
C ALA A 360 5.06 18.85 17.00
N LEU A 361 5.67 19.53 17.97
CA LEU A 361 5.72 19.03 19.33
C LEU A 361 4.38 19.20 20.05
N ALA A 362 3.57 20.18 19.66
CA ALA A 362 2.27 20.36 20.29
C ALA A 362 1.34 19.20 19.94
N ALA A 363 1.40 18.72 18.69
CA ALA A 363 0.58 17.57 18.30
C ALA A 363 1.10 16.28 18.92
N ALA A 364 2.44 16.15 19.02
CA ALA A 364 3.02 14.95 19.59
C ALA A 364 2.71 14.83 21.08
N GLN A 365 2.73 15.96 21.79
CA GLN A 365 2.38 15.94 23.22
C GLN A 365 0.93 15.54 23.41
N THR A 366 0.03 16.07 22.58
CA THR A 366 -1.38 15.76 22.70
C THR A 366 -1.65 14.29 22.39
N ASN A 367 -1.05 13.77 21.32
CA ASN A 367 -1.27 12.38 20.94
C ASN A 367 -0.70 11.42 21.98
N ALA A 368 0.38 11.83 22.66
CA ALA A 368 0.99 10.97 23.67
C ALA A 368 0.26 11.01 25.00
N HIS A 369 -0.67 11.95 25.19
CA HIS A 369 -1.34 12.13 26.47
C HIS A 369 -2.71 11.45 26.42
N ASP A 370 -2.90 10.46 27.30
CA ASP A 370 -4.19 9.79 27.48
C ASP A 370 -4.70 9.18 26.17
N THR A 371 -3.79 8.58 25.38
CA THR A 371 -4.15 7.85 24.18
C THR A 371 -3.33 6.55 24.17
N THR A 372 -3.60 5.68 25.13
CA THR A 372 -2.95 4.39 25.18
C THR A 372 -3.54 3.46 24.12
N VAL A 373 -2.69 2.92 23.27
CA VAL A 373 -3.14 2.00 22.23
C VAL A 373 -3.43 0.65 22.88
N PHE A 374 -4.60 0.09 22.57
CA PHE A 374 -5.02 -1.20 23.08
C PHE A 374 -5.15 -2.17 21.92
N GLN A 375 -4.46 -3.30 22.02
CA GLN A 375 -4.53 -4.35 21.00
C GLN A 375 -4.91 -5.66 21.68
N GLY A 376 -6.14 -6.12 21.41
CA GLY A 376 -6.63 -7.35 22.00
C GLY A 376 -6.84 -8.47 20.99
N VAL A 377 -6.77 -9.71 21.46
CA VAL A 377 -6.87 -10.87 20.58
C VAL A 377 -8.32 -11.10 20.20
N ALA A 378 -8.57 -11.34 18.92
CA ALA A 378 -9.93 -11.56 18.44
C ALA A 378 -10.50 -12.84 19.02
N GLY A 379 -11.79 -12.80 19.35
CA GLY A 379 -12.47 -13.91 19.97
C GLY A 379 -12.45 -13.91 21.49
N GLN A 380 -11.53 -13.18 22.10
CA GLN A 380 -11.42 -13.05 23.55
C GLN A 380 -11.91 -11.68 23.97
N SER A 381 -11.86 -11.44 25.28
CA SER A 381 -12.31 -10.17 25.84
C SER A 381 -11.14 -9.20 25.99
N LEU A 382 -11.45 -7.92 25.87
CA LEU A 382 -10.48 -6.84 26.02
C LEU A 382 -10.97 -5.90 27.10
N GLN A 383 -10.14 -5.66 28.11
CA GLN A 383 -10.52 -4.86 29.27
C GLN A 383 -9.74 -3.55 29.22
N VAL A 384 -10.46 -2.44 29.06
CA VAL A 384 -9.90 -1.10 29.07
C VAL A 384 -10.30 -0.41 30.36
N SER A 385 -9.37 0.32 30.96
CA SER A 385 -9.61 1.04 32.20
C SER A 385 -9.30 2.52 31.96
N CYS A 386 -10.34 3.35 32.01
CA CYS A 386 -10.20 4.79 31.80
C CYS A 386 -10.15 5.50 33.15
N PRO A 387 -8.98 5.89 33.63
CA PRO A 387 -8.91 6.62 34.90
C PRO A 387 -9.34 8.06 34.73
N TYR A 388 -9.95 8.60 35.79
CA TYR A 388 -10.47 9.96 35.74
C TYR A 388 -10.55 10.51 37.15
N ASP A 389 -10.59 11.83 37.25
CA ASP A 389 -10.72 12.51 38.53
C ASP A 389 -12.13 12.30 39.06
N SER A 390 -12.24 11.63 40.22
CA SER A 390 -13.55 11.33 40.78
C SER A 390 -14.23 12.55 41.38
N MET A 391 -13.48 13.61 41.68
CA MET A 391 -14.05 14.82 42.26
C MET A 391 -14.51 15.80 41.20
N LYS A 392 -13.69 16.05 40.18
CA LYS A 392 -14.07 16.98 39.13
C LYS A 392 -15.28 16.47 38.35
N HIS A 393 -15.36 15.16 38.13
CA HIS A 393 -16.48 14.55 37.42
C HIS A 393 -17.47 13.87 38.35
N TRP A 394 -17.53 14.31 39.61
CA TRP A 394 -18.41 13.66 40.58
C TRP A 394 -19.87 13.84 40.20
N GLY A 395 -20.64 12.77 40.35
CA GLY A 395 -22.06 12.79 40.02
C GLY A 395 -22.37 12.74 38.55
N ARG A 396 -21.37 12.69 37.68
CA ARG A 396 -21.58 12.70 36.24
C ARG A 396 -21.62 11.28 35.69
N ARG A 397 -22.55 11.04 34.77
CA ARG A 397 -22.59 9.76 34.07
C ARG A 397 -21.49 9.71 33.01
N LYS A 398 -21.10 8.50 32.66
CA LYS A 398 -20.04 8.26 31.68
C LYS A 398 -20.62 7.66 30.41
N ALA A 399 -19.83 7.68 29.35
CA ALA A 399 -20.26 7.15 28.06
C ALA A 399 -19.04 6.61 27.32
N TRP A 400 -19.32 5.72 26.37
CA TRP A 400 -18.30 5.06 25.55
C TRP A 400 -18.73 5.16 24.09
N CYS A 401 -18.11 6.05 23.33
CA CYS A 401 -18.51 6.33 21.96
C CYS A 401 -17.35 6.16 21.00
N ARG A 402 -17.67 6.01 19.73
CA ARG A 402 -16.68 5.83 18.67
C ARG A 402 -16.64 7.09 17.82
N GLN A 403 -15.46 7.70 17.74
CA GLN A 403 -15.25 8.85 16.88
C GLN A 403 -15.18 8.39 15.44
N LEU A 404 -16.03 8.95 14.58
CA LEU A 404 -16.12 8.52 13.19
C LEU A 404 -15.13 9.22 12.28
N GLY A 405 -14.81 10.48 12.55
CA GLY A 405 -13.85 11.21 11.75
C GLY A 405 -12.90 12.00 12.64
N GLU A 406 -11.87 12.56 12.00
CA GLU A 406 -10.94 13.41 12.74
C GLU A 406 -11.65 14.66 13.26
N LYS A 407 -12.60 15.19 12.49
CA LYS A 407 -13.43 16.31 12.90
C LYS A 407 -14.91 15.93 12.92
N GLY A 408 -15.20 14.63 13.00
CA GLY A 408 -16.57 14.14 12.96
C GLY A 408 -17.15 13.87 14.34
N PRO A 409 -18.38 13.37 14.38
CA PRO A 409 -19.04 13.12 15.66
C PRO A 409 -18.58 11.82 16.29
N CYS A 410 -18.96 11.64 17.56
CA CYS A 410 -18.66 10.43 18.32
C CYS A 410 -19.96 9.68 18.54
N GLN A 411 -20.09 8.52 17.88
CA GLN A 411 -21.33 7.74 17.94
C GLN A 411 -21.38 6.95 19.24
N ARG A 412 -22.40 7.22 20.05
CA ARG A 412 -22.54 6.60 21.38
C ARG A 412 -22.82 5.11 21.23
N VAL A 413 -21.79 4.29 21.47
CA VAL A 413 -21.99 2.84 21.48
C VAL A 413 -22.81 2.45 22.70
N VAL A 414 -22.38 2.88 23.88
CA VAL A 414 -23.08 2.59 25.13
C VAL A 414 -22.87 3.76 26.07
N SER A 415 -23.79 3.93 27.02
CA SER A 415 -23.74 4.99 27.99
C SER A 415 -24.12 4.45 29.36
N THR A 416 -23.48 4.97 30.41
CA THR A 416 -23.68 4.47 31.75
C THR A 416 -25.03 4.93 32.30
N HIS A 417 -25.39 4.34 33.45
CA HIS A 417 -26.61 4.70 34.16
C HIS A 417 -26.53 6.15 34.66
N ASN A 429 -24.95 -3.57 25.65
CA ASN A 429 -25.16 -3.26 24.25
C ASN A 429 -24.40 -4.23 23.35
N GLY A 430 -25.10 -5.25 22.85
CA GLY A 430 -24.51 -6.23 21.96
C GLY A 430 -23.38 -7.01 22.60
N SER A 431 -22.13 -6.62 22.31
CA SER A 431 -20.95 -7.26 22.86
C SER A 431 -20.05 -6.26 23.58
N THR A 432 -20.65 -5.19 24.10
CA THR A 432 -19.91 -4.15 24.81
C THR A 432 -20.62 -3.86 26.13
N ALA A 433 -19.90 -3.98 27.23
CA ALA A 433 -20.42 -3.68 28.56
C ALA A 433 -19.51 -2.69 29.25
N ILE A 434 -20.09 -1.79 30.03
CA ILE A 434 -19.36 -0.72 30.70
C ILE A 434 -19.72 -0.72 32.18
N THR A 435 -18.70 -0.49 33.02
CA THR A 435 -18.89 -0.35 34.46
C THR A 435 -18.06 0.84 34.94
N ASP A 436 -18.58 1.55 35.93
CA ASP A 436 -17.96 2.76 36.43
C ASP A 436 -17.66 2.59 37.92
N ASP A 437 -16.39 2.75 38.30
CA ASP A 437 -15.96 2.80 39.69
C ASP A 437 -15.82 4.27 40.05
N THR A 438 -16.91 4.87 40.53
CA THR A 438 -16.90 6.29 40.82
C THR A 438 -16.03 6.63 42.02
N LEU A 439 -15.86 5.69 42.95
CA LEU A 439 -15.07 5.96 44.15
C LEU A 439 -13.58 6.00 43.83
N GLY A 440 -13.10 5.02 43.07
CA GLY A 440 -11.68 4.95 42.72
C GLY A 440 -11.29 5.73 41.49
N GLY A 441 -12.25 6.27 40.76
CA GLY A 441 -11.93 7.02 39.55
C GLY A 441 -11.42 6.14 38.43
N THR A 442 -12.12 5.05 38.14
CA THR A 442 -11.72 4.12 37.10
C THR A 442 -12.96 3.69 36.33
N LEU A 443 -12.99 3.99 35.04
CA LEU A 443 -14.07 3.57 34.15
C LEU A 443 -13.61 2.35 33.35
N THR A 444 -14.40 1.28 33.40
CA THR A 444 -14.05 0.02 32.77
C THR A 444 -15.10 -0.34 31.72
N ILE A 445 -14.63 -0.63 30.51
CA ILE A 445 -15.48 -1.06 29.40
C ILE A 445 -15.04 -2.46 29.00
N THR A 446 -16.00 -3.37 28.89
CA THR A 446 -15.72 -4.77 28.59
C THR A 446 -16.21 -5.08 27.18
N LEU A 447 -15.29 -5.53 26.32
CA LEU A 447 -15.62 -5.94 24.95
C LEU A 447 -15.55 -7.46 24.89
N ARG A 448 -16.67 -8.10 24.59
CA ARG A 448 -16.75 -9.56 24.52
C ARG A 448 -16.72 -10.01 23.07
N ASN A 449 -15.99 -11.10 22.82
CA ASN A 449 -15.83 -11.66 21.48
C ASN A 449 -15.35 -10.59 20.50
N LEU A 450 -14.15 -10.09 20.77
CA LEU A 450 -13.58 -9.05 19.93
C LEU A 450 -13.40 -9.55 18.49
N GLN A 451 -13.81 -8.72 17.54
CA GLN A 451 -13.77 -9.04 16.13
C GLN A 451 -13.18 -7.88 15.35
N PRO A 452 -12.72 -8.10 14.12
CA PRO A 452 -12.30 -6.98 13.28
C PRO A 452 -13.46 -6.03 13.04
N HIS A 453 -13.11 -4.80 12.63
CA HIS A 453 -14.00 -3.64 12.47
C HIS A 453 -14.27 -2.95 13.80
N ASP A 454 -14.01 -3.64 14.92
CA ASP A 454 -14.20 -3.03 16.23
C ASP A 454 -13.10 -2.04 16.57
N ALA A 455 -11.98 -2.08 15.86
CA ALA A 455 -10.96 -1.04 16.01
C ALA A 455 -11.51 0.28 15.50
N GLY A 456 -11.27 1.36 16.26
CA GLY A 456 -11.74 2.64 15.78
C GLY A 456 -11.69 3.82 16.75
N LEU A 457 -10.53 4.01 17.40
CA LEU A 457 -10.24 5.21 18.19
C LEU A 457 -11.42 5.66 19.05
N TYR A 458 -11.74 4.90 20.10
CA TYR A 458 -12.88 5.22 20.95
C TYR A 458 -12.50 6.27 21.98
N GLN A 459 -13.53 6.80 22.66
CA GLN A 459 -13.34 7.85 23.65
C GLN A 459 -14.13 7.53 24.91
N CYS A 460 -13.50 7.79 26.06
CA CYS A 460 -14.18 7.76 27.35
C CYS A 460 -14.65 9.18 27.67
N GLN A 461 -15.94 9.33 27.98
CA GLN A 461 -16.54 10.63 28.15
C GLN A 461 -17.24 10.74 29.49
N SER A 462 -17.39 11.98 29.96
CA SER A 462 -18.13 12.30 31.17
C SER A 462 -19.26 13.26 30.79
N LEU A 463 -20.47 12.92 31.18
CA LEU A 463 -21.67 13.63 30.74
C LEU A 463 -22.12 14.61 31.82
N HIS A 464 -22.43 15.84 31.41
CA HIS A 464 -23.01 16.83 32.30
C HIS A 464 -23.94 17.70 31.48
N GLY A 465 -25.23 17.67 31.83
CA GLY A 465 -26.18 18.39 31.01
C GLY A 465 -26.35 17.65 29.69
N SER A 466 -26.06 18.35 28.59
CA SER A 466 -26.08 17.76 27.27
C SER A 466 -24.70 17.74 26.63
N GLU A 467 -23.66 18.12 27.37
CA GLU A 467 -22.29 18.20 26.90
C GLU A 467 -21.47 17.05 27.47
N ALA A 468 -20.38 16.72 26.78
CA ALA A 468 -19.52 15.62 27.17
C ALA A 468 -18.06 16.03 27.07
N ASP A 469 -17.29 15.72 28.11
CA ASP A 469 -15.86 15.96 28.14
C ASP A 469 -15.11 14.66 27.91
N THR A 470 -13.97 14.78 27.21
CA THR A 470 -13.15 13.61 26.90
C THR A 470 -12.27 13.25 28.09
N LEU A 471 -12.42 12.03 28.60
CA LEU A 471 -11.59 11.53 29.68
C LEU A 471 -10.27 10.93 29.16
N ARG A 472 -10.36 10.02 28.19
CA ARG A 472 -9.18 9.40 27.59
C ARG A 472 -9.48 8.76 26.25
N LYS A 473 -8.94 9.31 25.16
CA LYS A 473 -9.09 8.69 23.86
C LYS A 473 -8.37 7.35 23.84
N VAL A 474 -9.04 6.32 23.34
CA VAL A 474 -8.50 4.95 23.33
C VAL A 474 -8.48 4.46 21.90
N LEU A 475 -7.30 4.01 21.45
CA LEU A 475 -7.12 3.46 20.12
C LEU A 475 -7.09 1.95 20.23
N VAL A 476 -8.16 1.29 19.80
CA VAL A 476 -8.26 -0.16 19.84
C VAL A 476 -7.68 -0.73 18.55
N GLU A 477 -6.87 -1.77 18.68
CA GLU A 477 -6.42 -2.56 17.55
C GLU A 477 -6.80 -4.02 17.77
N VAL A 478 -7.06 -4.75 16.69
CA VAL A 478 -7.55 -6.11 16.77
C VAL A 478 -6.53 -7.03 16.10
N LEU A 479 -6.04 -8.01 16.85
CA LEU A 479 -5.10 -8.99 16.33
C LEU A 479 -5.85 -10.07 15.57
N ALA A 480 -5.14 -10.72 14.65
CA ALA A 480 -5.78 -11.70 13.76
C ALA A 480 -6.32 -12.90 14.52
N ASP A 481 -5.64 -13.32 15.59
CA ASP A 481 -6.07 -14.47 16.39
C ASP A 481 -6.20 -15.74 15.55
N GLN B 1 -19.06 13.96 0.03
CA GLN B 1 -18.47 15.12 0.70
C GLN B 1 -16.95 15.08 0.61
N VAL B 2 -16.42 13.95 0.15
CA VAL B 2 -14.98 13.76 -0.01
C VAL B 2 -14.74 13.14 -1.39
N GLN B 3 -13.87 13.77 -2.17
CA GLN B 3 -13.56 13.29 -3.51
C GLN B 3 -12.08 13.45 -3.79
N LEU B 4 -11.57 12.63 -4.70
CA LEU B 4 -10.17 12.60 -5.07
C LEU B 4 -10.02 12.98 -6.53
N GLN B 5 -9.13 13.92 -6.83
CA GLN B 5 -8.89 14.37 -8.19
C GLN B 5 -7.41 14.18 -8.52
N GLN B 6 -7.13 13.61 -9.70
CA GLN B 6 -5.79 13.24 -10.08
C GLN B 6 -5.29 14.10 -11.24
N TRP B 7 -3.98 14.34 -11.23
CA TRP B 7 -3.30 15.00 -12.34
C TRP B 7 -1.85 14.52 -12.34
N GLY B 8 -1.20 14.74 -13.48
CA GLY B 8 0.19 14.34 -13.62
C GLY B 8 0.52 14.13 -15.08
N ALA B 9 1.77 13.73 -15.32
CA ALA B 9 2.24 13.49 -16.67
C ALA B 9 1.51 12.29 -17.28
N GLY B 10 0.90 12.52 -18.44
CA GLY B 10 0.14 11.47 -19.10
C GLY B 10 0.89 10.80 -20.22
N LEU B 11 2.01 11.39 -20.65
CA LEU B 11 2.80 10.86 -21.75
C LEU B 11 4.25 10.77 -21.31
N LEU B 12 4.81 9.55 -21.34
CA LEU B 12 6.17 9.30 -20.92
C LEU B 12 6.91 8.52 -21.98
N LYS B 13 8.24 8.60 -21.93
CA LYS B 13 9.13 7.81 -22.75
C LYS B 13 9.77 6.70 -21.93
N PRO B 14 10.20 5.62 -22.57
CA PRO B 14 10.81 4.52 -21.81
C PRO B 14 12.03 4.97 -21.02
N SER B 15 12.23 4.32 -19.87
CA SER B 15 13.28 4.53 -18.89
C SER B 15 13.06 5.80 -18.05
N GLU B 16 12.08 6.63 -18.35
CA GLU B 16 11.80 7.80 -17.55
C GLU B 16 11.12 7.40 -16.24
N THR B 17 10.80 8.39 -15.42
CA THR B 17 10.17 8.17 -14.13
C THR B 17 8.75 8.74 -14.14
N LEU B 18 7.79 7.92 -13.74
CA LEU B 18 6.39 8.34 -13.68
C LEU B 18 6.12 9.03 -12.35
N SER B 19 5.44 10.17 -12.41
CA SER B 19 5.05 10.93 -11.22
C SER B 19 3.58 11.31 -11.35
N LEU B 20 2.74 10.73 -10.50
CA LEU B 20 1.33 11.04 -10.47
C LEU B 20 0.96 11.54 -9.07
N THR B 21 0.10 12.56 -9.01
CA THR B 21 -0.37 13.11 -7.75
C THR B 21 -1.88 12.98 -7.67
N CYS B 22 -2.39 12.71 -6.48
CA CYS B 22 -3.82 12.55 -6.24
C CYS B 22 -4.22 13.41 -5.04
N ALA B 23 -5.05 14.42 -5.30
CA ALA B 23 -5.43 15.39 -4.27
C ALA B 23 -6.69 14.93 -3.55
N VAL B 24 -6.68 15.04 -2.23
CA VAL B 24 -7.79 14.63 -1.39
C VAL B 24 -8.44 15.86 -0.80
N TYR B 25 -9.77 15.93 -0.87
CA TYR B 25 -10.54 17.05 -0.36
C TYR B 25 -11.55 16.54 0.65
N GLY B 26 -11.51 17.10 1.87
CA GLY B 26 -12.52 16.85 2.88
C GLY B 26 -12.02 16.10 4.09
N VAL B 27 -10.96 15.31 3.97
CA VAL B 27 -10.48 14.49 5.08
C VAL B 27 -8.96 14.41 5.01
N SER B 28 -8.35 14.28 6.18
CA SER B 28 -6.91 14.09 6.28
C SER B 28 -6.57 12.60 6.07
N PHE B 29 -5.28 12.33 5.85
CA PHE B 29 -4.85 10.97 5.56
C PHE B 29 -4.87 10.08 6.79
N SER B 30 -4.93 10.64 7.99
CA SER B 30 -4.91 9.85 9.20
C SER B 30 -6.21 9.07 9.36
N GLY B 31 -6.11 7.77 9.61
CA GLY B 31 -7.25 6.93 9.88
C GLY B 31 -7.67 6.02 8.75
N TYR B 32 -7.20 6.26 7.53
CA TYR B 32 -7.66 5.52 6.37
C TYR B 32 -6.48 4.91 5.62
N HIS B 33 -6.80 3.92 4.79
CA HIS B 33 -5.85 3.37 3.82
C HIS B 33 -5.97 4.14 2.52
N TRP B 34 -4.84 4.33 1.85
CA TRP B 34 -4.81 5.03 0.56
C TRP B 34 -4.08 4.17 -0.44
N TYR B 35 -4.75 3.85 -1.55
CA TYR B 35 -4.26 2.87 -2.52
C TYR B 35 -3.88 3.54 -3.84
N TRP B 36 -2.99 2.88 -4.56
CA TRP B 36 -2.78 3.12 -5.98
C TRP B 36 -3.04 1.81 -6.71
N ILE B 37 -3.92 1.87 -7.71
CA ILE B 37 -4.30 0.70 -8.50
C ILE B 37 -4.30 1.11 -9.96
N ARG B 38 -3.69 0.27 -10.80
CA ARG B 38 -3.63 0.54 -12.23
C ARG B 38 -4.37 -0.54 -12.99
N GLN B 39 -4.79 -0.19 -14.20
CA GLN B 39 -5.55 -1.10 -15.08
C GLN B 39 -5.04 -0.95 -16.51
N PRO B 40 -4.22 -1.88 -16.98
CA PRO B 40 -3.77 -1.84 -18.38
C PRO B 40 -4.94 -1.91 -19.34
N PRO B 41 -4.79 -1.39 -20.55
CA PRO B 41 -5.91 -1.41 -21.51
C PRO B 41 -6.38 -2.83 -21.79
N GLY B 42 -7.66 -3.08 -21.52
CA GLY B 42 -8.26 -4.37 -21.78
C GLY B 42 -7.92 -5.46 -20.77
N LYS B 43 -7.22 -5.12 -19.69
CA LYS B 43 -6.83 -6.08 -18.67
C LYS B 43 -7.53 -5.76 -17.35
N GLY B 44 -7.24 -6.58 -16.35
CA GLY B 44 -7.84 -6.41 -15.04
C GLY B 44 -7.09 -5.39 -14.20
N LEU B 45 -7.55 -5.27 -12.95
CA LEU B 45 -6.94 -4.34 -12.00
C LEU B 45 -5.70 -4.93 -11.37
N GLU B 46 -4.71 -4.08 -11.11
CA GLU B 46 -3.47 -4.50 -10.46
C GLU B 46 -3.17 -3.56 -9.30
N TRP B 47 -2.98 -4.13 -8.12
CA TRP B 47 -2.69 -3.37 -6.92
C TRP B 47 -1.22 -2.92 -6.94
N ILE B 48 -0.99 -1.62 -6.87
CA ILE B 48 0.36 -1.08 -6.91
C ILE B 48 0.96 -0.98 -5.52
N GLY B 49 0.23 -0.40 -4.58
CA GLY B 49 0.73 -0.24 -3.22
C GLY B 49 -0.30 0.46 -2.38
N GLU B 50 -0.02 0.50 -1.08
CA GLU B 50 -0.91 1.12 -0.11
C GLU B 50 -0.10 1.82 0.96
N ILE B 51 -0.78 2.69 1.70
CA ILE B 51 -0.23 3.29 2.91
C ILE B 51 -1.26 3.12 4.01
N ASP B 52 -0.78 2.94 5.23
CA ASP B 52 -1.65 2.70 6.37
C ASP B 52 -1.98 4.00 7.09
N ASN B 53 -2.88 3.91 8.07
CA ASN B 53 -3.24 5.08 8.85
C ASN B 53 -2.06 5.63 9.64
N LYS B 54 -1.02 4.82 9.85
CA LYS B 54 0.18 5.23 10.55
C LYS B 54 1.29 5.66 9.61
N GLY B 55 1.03 5.71 8.31
CA GLY B 55 2.03 6.08 7.33
C GLY B 55 2.90 4.95 6.84
N GLN B 56 2.68 3.72 7.33
CA GLN B 56 3.43 2.58 6.85
C GLN B 56 3.09 2.29 5.39
N THR B 57 4.11 2.02 4.60
CA THR B 57 3.95 1.75 3.18
C THR B 57 4.18 0.28 2.89
N ASN B 58 3.30 -0.31 2.08
CA ASN B 58 3.43 -1.67 1.60
C ASN B 58 3.30 -1.67 0.08
N TYR B 59 4.22 -2.34 -0.59
CA TYR B 59 4.25 -2.36 -2.05
C TYR B 59 4.06 -3.78 -2.56
N ASN B 60 3.52 -3.88 -3.77
CA ASN B 60 3.46 -5.16 -4.47
C ASN B 60 4.89 -5.64 -4.70
N PRO B 61 5.25 -6.85 -4.27
CA PRO B 61 6.62 -7.33 -4.49
C PRO B 61 7.08 -7.28 -5.94
N SER B 62 6.17 -7.47 -6.90
CA SER B 62 6.55 -7.39 -8.31
C SER B 62 6.89 -5.96 -8.72
N LEU B 63 6.51 -4.96 -7.94
CA LEU B 63 6.84 -3.58 -8.23
C LEU B 63 7.64 -2.90 -7.12
N LYS B 64 8.03 -3.64 -6.08
CA LYS B 64 8.68 -3.01 -4.93
C LYS B 64 10.01 -2.37 -5.32
N SER B 65 10.66 -2.86 -6.36
CA SER B 65 11.96 -2.33 -6.77
C SER B 65 11.87 -1.01 -7.51
N ARG B 66 10.66 -0.56 -7.87
CA ARG B 66 10.51 0.64 -8.68
C ARG B 66 9.42 1.59 -8.19
N VAL B 67 8.76 1.29 -7.07
CA VAL B 67 7.62 2.07 -6.59
C VAL B 67 8.04 2.84 -5.35
N THR B 68 7.64 4.11 -5.29
CA THR B 68 7.78 4.93 -4.09
C THR B 68 6.51 5.75 -3.92
N ILE B 69 5.80 5.51 -2.81
CA ILE B 69 4.58 6.23 -2.49
C ILE B 69 4.85 7.14 -1.30
N SER B 70 4.55 8.42 -1.47
CA SER B 70 4.76 9.41 -0.42
C SER B 70 3.52 10.29 -0.29
N VAL B 71 3.42 10.97 0.84
CA VAL B 71 2.28 11.84 1.14
C VAL B 71 2.80 13.19 1.61
N ASP B 72 2.15 14.26 1.15
CA ASP B 72 2.43 15.63 1.58
C ASP B 72 1.19 16.13 2.31
N THR B 73 1.24 16.15 3.64
CA THR B 73 0.07 16.48 4.42
C THR B 73 -0.27 17.96 4.34
N SER B 74 0.73 18.82 4.09
CA SER B 74 0.48 20.25 4.04
C SER B 74 -0.47 20.61 2.90
N LYS B 75 -0.37 19.90 1.78
CA LYS B 75 -1.29 20.06 0.66
C LYS B 75 -2.32 18.94 0.59
N ASN B 76 -2.36 18.07 1.60
CA ASN B 76 -3.16 16.84 1.62
C ASN B 76 -3.17 16.15 0.25
N GLN B 77 -1.98 15.98 -0.30
CA GLN B 77 -1.78 15.24 -1.53
C GLN B 77 -0.87 14.05 -1.26
N PHE B 78 -1.06 12.98 -2.02
CA PHE B 78 -0.17 11.83 -1.94
C PHE B 78 0.10 11.33 -3.36
N SER B 79 1.36 10.97 -3.61
CA SER B 79 1.85 10.76 -4.96
C SER B 79 2.35 9.33 -5.14
N LEU B 80 2.36 8.90 -6.41
CA LEU B 80 2.91 7.62 -6.82
C LEU B 80 4.07 7.87 -7.78
N LYS B 81 5.20 7.23 -7.50
CA LYS B 81 6.40 7.37 -8.32
C LYS B 81 6.82 6.01 -8.86
N LEU B 82 7.04 5.93 -10.17
CA LEU B 82 7.55 4.75 -10.83
C LEU B 82 8.92 5.08 -11.40
N SER B 83 9.94 4.36 -10.94
CA SER B 83 11.32 4.70 -11.27
C SER B 83 11.66 4.38 -12.71
N SER B 84 11.77 3.09 -13.04
CA SER B 84 12.14 2.64 -14.38
C SER B 84 10.87 2.22 -15.11
N VAL B 85 10.20 3.18 -15.72
CA VAL B 85 8.96 2.88 -16.42
C VAL B 85 9.26 2.14 -17.72
N THR B 86 8.37 1.23 -18.11
CA THR B 86 8.53 0.46 -19.33
C THR B 86 7.20 0.40 -20.06
N ALA B 87 7.24 -0.06 -21.31
CA ALA B 87 6.02 -0.11 -22.13
C ALA B 87 4.93 -0.94 -21.47
N ALA B 88 5.30 -1.88 -20.59
CA ALA B 88 4.31 -2.66 -19.88
C ALA B 88 3.56 -1.86 -18.81
N ASP B 89 3.97 -0.62 -18.55
CA ASP B 89 3.34 0.21 -17.53
C ASP B 89 2.24 1.09 -18.09
N THR B 90 1.94 1.00 -19.38
CA THR B 90 0.81 1.73 -19.93
C THR B 90 -0.49 1.23 -19.29
N ALA B 91 -1.18 2.12 -18.58
CA ALA B 91 -2.38 1.74 -17.85
C ALA B 91 -3.09 2.99 -17.38
N VAL B 92 -4.34 2.80 -16.94
CA VAL B 92 -5.07 3.83 -16.21
C VAL B 92 -4.78 3.63 -14.73
N TYR B 93 -4.28 4.68 -14.08
CA TYR B 93 -3.87 4.61 -12.68
C TYR B 93 -4.92 5.27 -11.81
N TYR B 94 -5.39 4.55 -10.79
CA TYR B 94 -6.41 5.03 -9.86
C TYR B 94 -5.81 5.19 -8.47
N CYS B 95 -6.13 6.31 -7.83
CA CYS B 95 -5.96 6.43 -6.38
C CYS B 95 -7.30 6.19 -5.70
N ALA B 96 -7.24 5.57 -4.53
CA ALA B 96 -8.46 5.20 -3.82
C ALA B 96 -8.18 5.14 -2.32
N ARG B 97 -9.21 5.43 -1.54
CA ARG B 97 -9.12 5.42 -0.10
C ARG B 97 -9.88 4.23 0.47
N GLY B 98 -9.31 3.63 1.52
CA GLY B 98 -10.07 2.69 2.32
C GLY B 98 -10.99 3.40 3.28
N GLY B 99 -12.13 2.78 3.58
CA GLY B 99 -13.15 3.46 4.36
C GLY B 99 -13.40 2.88 5.73
N SER B 100 -12.35 2.74 6.54
CA SER B 100 -12.48 2.20 7.89
C SER B 100 -12.53 3.28 8.97
N TYR B 101 -11.84 4.40 8.74
CA TYR B 101 -11.41 5.30 9.81
C TYR B 101 -10.91 4.54 11.03
N TYR B 102 -9.60 4.25 11.05
CA TYR B 102 -8.96 3.57 12.18
C TYR B 102 -9.61 2.23 12.49
N GLY B 103 -10.18 1.60 11.46
CA GLY B 103 -10.73 0.27 11.57
C GLY B 103 -9.70 -0.79 11.23
N HIS B 104 -10.20 -2.02 10.99
CA HIS B 104 -9.29 -3.11 10.70
C HIS B 104 -8.98 -3.16 9.21
N PRO B 105 -7.76 -3.57 8.84
CA PRO B 105 -7.37 -3.52 7.43
C PRO B 105 -8.14 -4.48 6.53
N TYR B 106 -8.87 -5.46 7.09
CA TYR B 106 -9.64 -6.37 6.26
C TYR B 106 -10.76 -5.65 5.53
N LEU B 107 -11.42 -4.72 6.21
CA LEU B 107 -12.54 -3.98 5.65
C LEU B 107 -12.10 -2.75 4.88
N ALA B 108 -10.80 -2.45 4.85
CA ALA B 108 -10.30 -1.28 4.13
C ALA B 108 -10.29 -1.53 2.64
N ALA B 109 -11.41 -1.97 2.09
CA ALA B 109 -11.53 -2.12 0.64
C ALA B 109 -11.73 -0.75 0.02
N PRO B 110 -11.01 -0.42 -1.06
CA PRO B 110 -11.17 0.89 -1.70
C PRO B 110 -12.61 1.21 -2.06
N ASP B 111 -13.22 2.15 -1.33
CA ASP B 111 -14.62 2.52 -1.55
C ASP B 111 -14.79 3.87 -2.23
N ILE B 112 -13.80 4.75 -2.16
CA ILE B 112 -13.83 6.06 -2.81
C ILE B 112 -12.68 6.10 -3.79
N TRP B 113 -12.99 6.30 -5.07
CA TRP B 113 -12.01 6.24 -6.14
C TRP B 113 -11.88 7.59 -6.83
N GLY B 114 -10.66 7.94 -7.23
CA GLY B 114 -10.47 9.04 -8.14
C GLY B 114 -10.88 8.65 -9.56
N GLN B 115 -10.91 9.65 -10.43
CA GLN B 115 -11.31 9.40 -11.81
C GLN B 115 -10.26 8.65 -12.61
N GLY B 116 -9.02 8.61 -12.14
CA GLY B 116 -7.96 7.94 -12.86
C GLY B 116 -7.34 8.82 -13.94
N THR B 117 -6.08 8.53 -14.26
CA THR B 117 -5.34 9.25 -15.27
C THR B 117 -4.68 8.26 -16.22
N MET B 118 -4.99 8.40 -17.51
CA MET B 118 -4.41 7.51 -18.51
C MET B 118 -2.93 7.85 -18.69
N VAL B 119 -2.07 6.85 -18.54
CA VAL B 119 -0.63 7.02 -18.70
C VAL B 119 -0.19 6.15 -19.87
N THR B 120 0.43 6.77 -20.86
CA THR B 120 0.94 6.06 -22.04
C THR B 120 2.45 6.23 -22.08
N VAL B 121 3.17 5.11 -22.09
CA VAL B 121 4.62 5.11 -22.16
C VAL B 121 5.03 4.51 -23.50
N SER B 122 5.71 5.32 -24.31
CA SER B 122 6.10 4.90 -25.66
C SER B 122 7.21 5.81 -26.16
N SER B 123 8.03 5.27 -27.04
CA SER B 123 9.10 6.06 -27.65
C SER B 123 8.60 6.94 -28.79
N ALA B 124 7.35 6.76 -29.22
CA ALA B 124 6.83 7.51 -30.35
C ALA B 124 6.56 8.96 -29.95
N SER B 125 6.62 9.84 -30.95
CA SER B 125 6.29 11.25 -30.76
C SER B 125 4.81 11.49 -31.08
N THR B 126 4.32 12.63 -30.62
CA THR B 126 2.93 13.00 -30.88
C THR B 126 2.75 13.30 -32.37
N LYS B 127 1.73 12.69 -32.97
CA LYS B 127 1.49 12.83 -34.40
C LYS B 127 -0.01 12.93 -34.66
N GLY B 128 -0.39 13.92 -35.47
CA GLY B 128 -1.76 14.08 -35.87
C GLY B 128 -2.19 12.96 -36.81
N PRO B 129 -3.48 12.65 -36.82
CA PRO B 129 -3.97 11.51 -37.61
C PRO B 129 -4.20 11.87 -39.07
N SER B 130 -4.11 10.84 -39.90
CA SER B 130 -4.61 10.90 -41.27
C SER B 130 -6.00 10.28 -41.31
N VAL B 131 -6.92 10.93 -42.02
CA VAL B 131 -8.31 10.49 -42.10
C VAL B 131 -8.61 10.11 -43.53
N PHE B 132 -8.91 8.82 -43.76
CA PHE B 132 -9.22 8.32 -45.08
C PHE B 132 -10.68 7.84 -45.13
N PRO B 133 -11.35 8.03 -46.26
CA PRO B 133 -12.75 7.61 -46.35
C PRO B 133 -12.88 6.13 -46.68
N LEU B 134 -13.89 5.51 -46.07
CA LEU B 134 -14.30 4.15 -46.40
C LEU B 134 -15.59 4.29 -47.21
N ALA B 135 -15.43 4.48 -48.52
CA ALA B 135 -16.51 4.92 -49.39
C ALA B 135 -17.51 3.77 -49.63
N PRO B 136 -18.80 4.07 -49.60
CA PRO B 136 -19.81 3.07 -49.96
C PRO B 136 -19.96 2.98 -51.47
N SER B 137 -20.40 1.82 -51.93
CA SER B 137 -20.60 1.59 -53.35
C SER B 137 -21.66 0.51 -53.53
N SER B 138 -21.99 0.22 -54.79
CA SER B 138 -22.96 -0.82 -55.08
C SER B 138 -22.46 -2.20 -54.68
N LYS B 139 -21.15 -2.39 -54.58
CA LYS B 139 -20.60 -3.68 -54.17
C LYS B 139 -20.54 -3.81 -52.65
N SER B 140 -20.62 -2.70 -51.91
CA SER B 140 -20.65 -2.72 -50.46
C SER B 140 -22.00 -2.26 -49.91
N THR B 141 -23.05 -2.36 -50.71
CA THR B 141 -24.41 -2.04 -50.28
C THR B 141 -25.30 -3.24 -50.53
N SER B 142 -26.07 -3.63 -49.50
CA SER B 142 -26.95 -4.79 -49.59
C SER B 142 -28.39 -4.31 -49.47
N GLY B 143 -29.18 -4.54 -50.51
CA GLY B 143 -30.58 -4.15 -50.48
C GLY B 143 -30.72 -2.65 -50.39
N GLY B 144 -31.31 -2.19 -49.29
CA GLY B 144 -31.59 -0.76 -49.15
C GLY B 144 -30.75 -0.08 -48.10
N THR B 145 -29.87 -0.83 -47.44
CA THR B 145 -29.01 -0.30 -46.38
C THR B 145 -27.56 -0.35 -46.85
N ALA B 146 -26.88 0.79 -46.76
CA ALA B 146 -25.48 0.92 -47.14
C ALA B 146 -24.65 1.35 -45.94
N ALA B 147 -23.40 0.92 -45.92
CA ALA B 147 -22.48 1.22 -44.84
C ALA B 147 -21.31 2.04 -45.34
N LEU B 148 -20.94 3.07 -44.58
CA LEU B 148 -19.78 3.90 -44.88
C LEU B 148 -19.12 4.29 -43.57
N GLY B 149 -17.88 4.76 -43.67
CA GLY B 149 -17.16 5.09 -42.47
C GLY B 149 -15.93 5.93 -42.74
N CYS B 150 -15.16 6.17 -41.67
CA CYS B 150 -13.93 6.94 -41.72
C CYS B 150 -12.82 6.17 -41.03
N LEU B 151 -11.65 6.13 -41.67
CA LEU B 151 -10.48 5.47 -41.11
C LEU B 151 -9.54 6.53 -40.54
N VAL B 152 -9.26 6.43 -39.24
CA VAL B 152 -8.34 7.34 -38.56
C VAL B 152 -7.03 6.57 -38.38
N LYS B 153 -6.01 6.94 -39.14
CA LYS B 153 -4.78 6.19 -39.21
C LYS B 153 -3.59 7.00 -38.71
N ASP B 154 -2.67 6.32 -38.04
CA ASP B 154 -1.37 6.87 -37.64
C ASP B 154 -1.54 8.15 -36.80
N TYR B 155 -2.01 7.94 -35.58
CA TYR B 155 -2.12 9.03 -34.61
C TYR B 155 -1.53 8.59 -33.28
N PHE B 156 -1.09 9.58 -32.51
CA PHE B 156 -0.52 9.35 -31.20
C PHE B 156 -0.54 10.66 -30.44
N PRO B 157 -0.91 10.67 -29.16
CA PRO B 157 -1.40 9.54 -28.37
C PRO B 157 -2.92 9.50 -28.37
N GLU B 158 -3.50 8.52 -27.67
CA GLU B 158 -4.92 8.54 -27.43
C GLU B 158 -5.24 9.74 -26.54
N PRO B 159 -6.48 10.26 -26.59
CA PRO B 159 -7.66 9.79 -27.31
C PRO B 159 -7.82 10.43 -28.69
N VAL B 160 -8.97 10.15 -29.29
CA VAL B 160 -9.41 10.86 -30.49
C VAL B 160 -10.94 10.87 -30.47
N THR B 161 -11.51 12.04 -30.70
CA THR B 161 -12.96 12.24 -30.61
C THR B 161 -13.53 12.29 -32.01
N VAL B 162 -14.35 11.30 -32.35
CA VAL B 162 -14.96 11.17 -33.67
C VAL B 162 -16.46 11.36 -33.56
N SER B 163 -17.00 12.27 -34.38
CA SER B 163 -18.43 12.47 -34.51
C SER B 163 -18.79 12.51 -35.99
N TRP B 164 -20.09 12.39 -36.27
CA TRP B 164 -20.59 12.37 -37.64
C TRP B 164 -21.57 13.51 -37.85
N ASN B 165 -21.32 14.34 -38.86
CA ASN B 165 -22.18 15.48 -39.20
C ASN B 165 -22.35 16.40 -37.99
N SER B 166 -21.24 16.67 -37.31
CA SER B 166 -21.21 17.60 -36.16
C SER B 166 -22.15 17.15 -35.04
N GLY B 167 -22.39 15.84 -34.93
CA GLY B 167 -23.21 15.30 -33.87
C GLY B 167 -24.67 15.14 -34.19
N ALA B 168 -25.11 15.51 -35.40
CA ALA B 168 -26.52 15.37 -35.74
C ALA B 168 -26.92 13.92 -35.97
N LEU B 169 -26.00 13.10 -36.45
CA LEU B 169 -26.26 11.69 -36.74
C LEU B 169 -25.65 10.84 -35.64
N THR B 170 -26.51 10.19 -34.84
CA THR B 170 -26.07 9.30 -33.78
C THR B 170 -26.58 7.88 -33.92
N SER B 171 -27.71 7.68 -34.58
CA SER B 171 -28.27 6.35 -34.73
C SER B 171 -27.48 5.55 -35.76
N GLY B 172 -27.12 4.32 -35.40
CA GLY B 172 -26.39 3.45 -36.30
C GLY B 172 -24.92 3.77 -36.43
N VAL B 173 -24.34 4.52 -35.50
CA VAL B 173 -22.93 4.89 -35.52
C VAL B 173 -22.15 3.92 -34.65
N HIS B 174 -21.02 3.44 -35.16
CA HIS B 174 -20.14 2.54 -34.43
C HIS B 174 -18.70 3.05 -34.55
N THR B 175 -18.15 3.52 -33.45
CA THR B 175 -16.75 3.93 -33.38
C THR B 175 -15.97 2.82 -32.68
N PHE B 176 -15.04 2.21 -33.40
CA PHE B 176 -14.33 1.05 -32.89
C PHE B 176 -13.19 1.47 -31.96
N PRO B 177 -12.87 0.64 -30.97
CA PRO B 177 -11.70 0.93 -30.11
C PRO B 177 -10.42 0.99 -30.93
N ALA B 178 -9.50 1.83 -30.48
CA ALA B 178 -8.24 2.00 -31.18
C ALA B 178 -7.36 0.76 -31.04
N VAL B 179 -6.57 0.51 -32.08
CA VAL B 179 -5.62 -0.60 -32.08
C VAL B 179 -4.21 -0.01 -32.18
N LEU B 180 -3.27 -0.62 -31.48
CA LEU B 180 -1.89 -0.18 -31.50
C LEU B 180 -1.14 -0.94 -32.59
N GLN B 181 -0.67 -0.22 -33.60
CA GLN B 181 0.07 -0.83 -34.69
C GLN B 181 1.50 -1.14 -34.26
N SER B 182 2.20 -1.92 -35.08
CA SER B 182 3.59 -2.25 -34.81
C SER B 182 4.51 -1.03 -34.84
N SER B 183 4.12 0.03 -35.55
CA SER B 183 4.92 1.25 -35.62
C SER B 183 4.87 2.06 -34.34
N GLY B 184 3.94 1.76 -33.43
CA GLY B 184 3.76 2.52 -32.22
C GLY B 184 2.69 3.59 -32.30
N LEU B 185 2.06 3.77 -33.46
CA LEU B 185 0.98 4.73 -33.63
C LEU B 185 -0.36 4.03 -33.55
N TYR B 186 -1.36 4.74 -33.03
CA TYR B 186 -2.69 4.19 -32.87
C TYR B 186 -3.51 4.38 -34.14
N SER B 187 -4.54 3.56 -34.29
CA SER B 187 -5.42 3.61 -35.45
C SER B 187 -6.78 3.06 -35.06
N LEU B 188 -7.83 3.66 -35.60
CA LEU B 188 -9.18 3.15 -35.40
C LEU B 188 -10.04 3.52 -36.61
N SER B 189 -11.23 2.94 -36.66
CA SER B 189 -12.19 3.19 -37.71
C SER B 189 -13.54 3.54 -37.08
N SER B 190 -14.24 4.49 -37.70
CA SER B 190 -15.58 4.86 -37.29
C SER B 190 -16.51 4.70 -38.49
N VAL B 191 -17.55 3.89 -38.34
CA VAL B 191 -18.45 3.56 -39.44
C VAL B 191 -19.87 3.94 -39.04
N VAL B 192 -20.74 4.03 -40.04
CA VAL B 192 -22.14 4.36 -39.84
C VAL B 192 -22.97 3.70 -40.94
N THR B 193 -24.16 3.24 -40.58
CA THR B 193 -25.08 2.62 -41.52
C THR B 193 -26.16 3.61 -41.90
N VAL B 194 -26.40 3.76 -43.20
CA VAL B 194 -27.38 4.72 -43.71
C VAL B 194 -28.21 4.06 -44.79
N PRO B 195 -29.41 4.58 -45.04
CA PRO B 195 -30.21 4.06 -46.16
C PRO B 195 -29.51 4.31 -47.49
N SER B 196 -29.56 3.29 -48.36
CA SER B 196 -28.89 3.39 -49.65
C SER B 196 -29.49 4.47 -50.52
N SER B 197 -30.76 4.82 -50.29
CA SER B 197 -31.43 5.83 -51.10
C SER B 197 -30.93 7.24 -50.80
N SER B 198 -30.23 7.43 -49.70
CA SER B 198 -29.75 8.76 -49.35
C SER B 198 -28.42 9.10 -49.98
N LEU B 199 -27.69 8.09 -50.47
CA LEU B 199 -26.37 8.32 -51.06
C LEU B 199 -26.51 9.16 -52.33
N GLY B 200 -25.63 10.15 -52.47
CA GLY B 200 -25.70 11.09 -53.57
C GLY B 200 -26.65 12.25 -53.35
N THR B 201 -27.59 12.13 -52.41
CA THR B 201 -28.51 13.21 -52.07
C THR B 201 -28.24 13.80 -50.69
N GLN B 202 -27.67 13.02 -49.79
CA GLN B 202 -27.34 13.46 -48.43
C GLN B 202 -25.83 13.51 -48.27
N THR B 203 -25.35 14.51 -47.53
CA THR B 203 -23.93 14.66 -47.28
C THR B 203 -23.56 14.00 -45.95
N TYR B 204 -22.44 13.28 -45.95
CA TYR B 204 -21.95 12.58 -44.77
C TYR B 204 -20.51 12.99 -44.51
N ILE B 205 -20.27 13.60 -43.35
CA ILE B 205 -18.94 14.08 -42.98
C ILE B 205 -18.64 13.57 -41.57
N CYS B 206 -17.48 12.94 -41.42
CA CYS B 206 -16.99 12.53 -40.11
C CYS B 206 -16.10 13.64 -39.54
N ASN B 207 -16.31 13.94 -38.27
CA ASN B 207 -15.57 15.00 -37.58
C ASN B 207 -14.61 14.34 -36.60
N VAL B 208 -13.32 14.41 -36.91
CA VAL B 208 -12.28 13.78 -36.12
C VAL B 208 -11.53 14.85 -35.34
N ASN B 209 -11.37 14.64 -34.03
CA ASN B 209 -10.70 15.59 -33.16
C ASN B 209 -9.59 14.87 -32.40
N HIS B 210 -8.37 15.37 -32.52
CA HIS B 210 -7.22 14.86 -31.78
C HIS B 210 -6.70 16.01 -30.92
N LYS B 211 -7.16 16.06 -29.67
CA LYS B 211 -6.83 17.18 -28.80
C LYS B 211 -5.34 17.33 -28.50
N PRO B 212 -4.57 16.27 -28.23
CA PRO B 212 -3.14 16.48 -27.94
C PRO B 212 -2.38 17.17 -29.06
N SER B 213 -2.75 16.95 -30.32
CA SER B 213 -2.13 17.62 -31.45
C SER B 213 -2.89 18.86 -31.90
N ASN B 214 -4.04 19.14 -31.29
CA ASN B 214 -4.91 20.25 -31.70
C ASN B 214 -5.25 20.14 -33.18
N THR B 215 -5.42 18.91 -33.66
CA THR B 215 -5.71 18.64 -35.06
C THR B 215 -7.18 18.25 -35.20
N LYS B 216 -7.88 18.95 -36.09
CA LYS B 216 -9.28 18.67 -36.39
C LYS B 216 -9.45 18.56 -37.89
N VAL B 217 -10.02 17.44 -38.34
CA VAL B 217 -10.21 17.17 -39.75
C VAL B 217 -11.65 16.75 -39.99
N ASP B 218 -12.32 17.42 -40.91
CA ASP B 218 -13.65 17.04 -41.37
C ASP B 218 -13.50 16.38 -42.73
N LYS B 219 -13.78 15.08 -42.80
CA LYS B 219 -13.59 14.29 -44.01
C LYS B 219 -14.95 13.88 -44.56
N LYS B 220 -15.32 14.43 -45.72
CA LYS B 220 -16.55 14.04 -46.38
C LYS B 220 -16.36 12.68 -47.04
N VAL B 221 -17.29 11.76 -46.77
CA VAL B 221 -17.24 10.40 -47.32
C VAL B 221 -18.34 10.27 -48.33
N GLU B 222 -17.98 10.20 -49.60
CA GLU B 222 -18.93 10.05 -50.70
C GLU B 222 -18.54 8.86 -51.57
N PRO B 223 -19.51 8.24 -52.25
CA PRO B 223 -19.18 7.10 -53.10
C PRO B 223 -18.25 7.49 -54.25
N LYS B 224 -17.26 6.62 -54.50
CA LYS B 224 -16.33 6.79 -55.61
C LYS B 224 -16.42 5.59 -56.54
N SER B 225 -16.45 5.86 -57.84
CA SER B 225 -16.55 4.80 -58.83
C SER B 225 -15.91 5.22 -60.15
N ASP C 1 1.98 -14.02 -3.26
CA ASP C 1 0.70 -13.33 -3.43
C ASP C 1 -0.42 -14.32 -3.75
N ILE C 2 -1.59 -14.10 -3.16
CA ILE C 2 -2.71 -15.00 -3.32
C ILE C 2 -3.30 -14.85 -4.72
N GLN C 3 -3.53 -15.97 -5.40
CA GLN C 3 -4.09 -15.97 -6.74
C GLN C 3 -5.61 -16.09 -6.64
N MET C 4 -6.31 -15.21 -7.35
CA MET C 4 -7.77 -15.18 -7.37
C MET C 4 -8.26 -15.60 -8.75
N THR C 5 -9.20 -16.53 -8.79
CA THR C 5 -9.73 -17.08 -10.03
C THR C 5 -11.24 -16.91 -10.05
N GLN C 6 -11.73 -16.19 -11.06
CA GLN C 6 -13.16 -15.98 -11.23
C GLN C 6 -13.71 -16.90 -12.32
N SER C 7 -15.01 -17.18 -12.22
CA SER C 7 -15.71 -18.01 -13.20
C SER C 7 -17.16 -17.58 -13.23
N PRO C 8 -17.76 -17.44 -14.41
CA PRO C 8 -17.17 -17.63 -15.74
C PRO C 8 -16.42 -16.38 -16.21
N SER C 9 -15.66 -16.47 -17.29
CA SER C 9 -14.97 -15.31 -17.82
C SER C 9 -15.95 -14.28 -18.38
N SER C 10 -17.00 -14.76 -19.06
CA SER C 10 -18.06 -13.91 -19.57
C SER C 10 -19.38 -14.66 -19.47
N LEU C 11 -20.45 -13.92 -19.20
CA LEU C 11 -21.77 -14.51 -19.03
C LEU C 11 -22.83 -13.59 -19.62
N SER C 12 -23.79 -14.17 -20.32
CA SER C 12 -24.93 -13.44 -20.87
C SER C 12 -26.20 -13.92 -20.20
N ALA C 13 -27.07 -12.98 -19.83
CA ALA C 13 -28.33 -13.31 -19.17
C ALA C 13 -29.30 -12.16 -19.40
N SER C 14 -30.58 -12.46 -19.22
CA SER C 14 -31.65 -11.50 -19.46
C SER C 14 -32.04 -10.81 -18.15
N VAL C 15 -32.81 -9.72 -18.30
CA VAL C 15 -33.29 -8.97 -17.14
C VAL C 15 -34.21 -9.86 -16.32
N GLY C 16 -34.01 -9.86 -15.01
CA GLY C 16 -34.77 -10.71 -14.12
C GLY C 16 -34.14 -12.05 -13.81
N ASP C 17 -33.12 -12.45 -14.57
CA ASP C 17 -32.45 -13.71 -14.32
C ASP C 17 -31.71 -13.66 -12.97
N ARG C 18 -31.56 -14.83 -12.36
CA ARG C 18 -30.78 -15.02 -11.15
C ARG C 18 -29.38 -15.47 -11.56
N VAL C 19 -28.37 -14.67 -11.21
CA VAL C 19 -27.01 -14.86 -11.68
C VAL C 19 -26.10 -15.11 -10.49
N THR C 20 -25.16 -16.05 -10.65
CA THR C 20 -24.14 -16.35 -9.65
C THR C 20 -22.77 -16.31 -10.31
N ILE C 21 -21.83 -15.66 -9.63
CA ILE C 21 -20.44 -15.57 -10.09
C ILE C 21 -19.54 -16.05 -8.96
N THR C 22 -18.56 -16.88 -9.30
CA THR C 22 -17.70 -17.55 -8.33
C THR C 22 -16.30 -16.95 -8.36
N CYS C 23 -15.69 -16.84 -7.18
CA CYS C 23 -14.32 -16.38 -7.03
C CYS C 23 -13.59 -17.35 -6.10
N ARG C 24 -12.50 -17.93 -6.58
CA ARG C 24 -11.74 -18.93 -5.84
C ARG C 24 -10.35 -18.40 -5.55
N ALA C 25 -9.94 -18.48 -4.28
CA ALA C 25 -8.62 -18.03 -3.85
C ALA C 25 -7.65 -19.20 -3.83
N SER C 26 -6.38 -18.89 -4.07
CA SER C 26 -5.35 -19.93 -4.07
C SER C 26 -5.09 -20.49 -2.67
N GLN C 27 -5.46 -19.74 -1.62
CA GLN C 27 -5.34 -20.22 -0.26
C GLN C 27 -6.48 -19.62 0.56
N SER C 28 -6.58 -20.05 1.81
CA SER C 28 -7.64 -19.58 2.69
C SER C 28 -7.48 -18.09 2.96
N ILE C 29 -8.52 -17.33 2.67
CA ILE C 29 -8.57 -15.90 2.98
C ILE C 29 -9.63 -15.60 4.03
N SER C 30 -10.05 -16.63 4.79
CA SER C 30 -11.08 -16.52 5.83
C SER C 30 -12.36 -16.03 5.15
N SER C 31 -12.95 -14.93 5.59
CA SER C 31 -14.19 -14.41 4.99
C SER C 31 -14.01 -12.97 4.54
N TYR C 32 -12.81 -12.62 4.08
CA TYR C 32 -12.46 -11.24 3.76
C TYR C 32 -12.22 -11.11 2.26
N LEU C 33 -13.29 -11.30 1.49
CA LEU C 33 -13.30 -11.11 0.06
C LEU C 33 -14.31 -10.01 -0.28
N ASN C 34 -13.95 -9.16 -1.23
CA ASN C 34 -14.76 -8.01 -1.61
C ASN C 34 -15.13 -8.08 -3.08
N TRP C 35 -16.31 -7.58 -3.42
CA TRP C 35 -16.81 -7.59 -4.78
C TRP C 35 -16.95 -6.16 -5.30
N TYR C 36 -16.64 -5.97 -6.58
CA TYR C 36 -16.73 -4.67 -7.23
C TYR C 36 -17.52 -4.78 -8.52
N GLN C 37 -18.15 -3.67 -8.90
CA GLN C 37 -18.82 -3.55 -10.20
C GLN C 37 -18.16 -2.41 -10.95
N GLN C 38 -17.67 -2.70 -12.16
CA GLN C 38 -17.01 -1.71 -12.99
C GLN C 38 -17.68 -1.66 -14.35
N LYS C 39 -18.29 -0.52 -14.66
CA LYS C 39 -18.83 -0.26 -15.98
C LYS C 39 -17.74 0.31 -16.88
N PRO C 40 -17.87 0.19 -18.20
CA PRO C 40 -16.82 0.68 -19.10
C PRO C 40 -16.58 2.17 -18.92
N GLY C 41 -15.32 2.54 -18.72
CA GLY C 41 -14.91 3.92 -18.59
C GLY C 41 -15.06 4.52 -17.21
N LYS C 42 -15.63 3.80 -16.25
CA LYS C 42 -15.84 4.29 -14.91
C LYS C 42 -14.88 3.63 -13.93
N ALA C 43 -14.71 4.26 -12.78
CA ALA C 43 -13.95 3.66 -11.71
C ALA C 43 -14.75 2.54 -11.05
N PRO C 44 -14.08 1.53 -10.49
CA PRO C 44 -14.82 0.44 -9.84
C PRO C 44 -15.61 0.94 -8.64
N LYS C 45 -16.75 0.30 -8.40
CA LYS C 45 -17.64 0.65 -7.30
C LYS C 45 -17.76 -0.56 -6.37
N LEU C 46 -17.51 -0.33 -5.08
CA LEU C 46 -17.56 -1.41 -4.10
C LEU C 46 -19.01 -1.83 -3.84
N LEU C 47 -19.27 -3.12 -3.98
CA LEU C 47 -20.59 -3.68 -3.73
C LEU C 47 -20.65 -4.45 -2.42
N ILE C 48 -19.77 -5.44 -2.25
CA ILE C 48 -19.77 -6.31 -1.08
C ILE C 48 -18.39 -6.24 -0.43
N TYR C 49 -18.37 -6.15 0.89
CA TYR C 49 -17.13 -6.24 1.66
C TYR C 49 -17.30 -7.29 2.76
N ALA C 50 -16.18 -7.90 3.14
CA ALA C 50 -16.18 -8.99 4.12
C ALA C 50 -17.11 -10.12 3.70
N ALA C 51 -17.05 -10.46 2.41
CA ALA C 51 -17.75 -11.60 1.82
C ALA C 51 -19.26 -11.47 1.79
N SER C 52 -19.85 -10.87 2.82
CA SER C 52 -21.31 -10.84 2.90
C SER C 52 -21.91 -9.50 3.29
N SER C 53 -21.12 -8.50 3.67
CA SER C 53 -21.66 -7.21 4.07
C SER C 53 -21.76 -6.30 2.85
N LEU C 54 -22.98 -5.88 2.51
CA LEU C 54 -23.17 -4.99 1.37
C LEU C 54 -22.91 -3.55 1.78
N GLN C 55 -22.18 -2.83 0.92
CA GLN C 55 -21.96 -1.41 1.15
C GLN C 55 -23.27 -0.65 1.04
N SER C 56 -23.38 0.41 1.84
CA SER C 56 -24.62 1.20 1.87
C SER C 56 -24.89 1.80 0.49
N GLY C 57 -26.14 1.66 0.04
CA GLY C 57 -26.58 2.20 -1.22
C GLY C 57 -26.68 1.21 -2.34
N VAL C 58 -26.04 0.04 -2.21
CA VAL C 58 -26.10 -0.98 -3.25
C VAL C 58 -27.47 -1.66 -3.14
N PRO C 59 -28.07 -2.06 -4.26
CA PRO C 59 -29.39 -2.69 -4.19
C PRO C 59 -29.36 -3.99 -3.41
N SER C 60 -30.49 -4.30 -2.77
CA SER C 60 -30.58 -5.50 -1.94
C SER C 60 -30.55 -6.78 -2.77
N ARG C 61 -30.76 -6.69 -4.07
CA ARG C 61 -30.68 -7.88 -4.92
C ARG C 61 -29.27 -8.43 -5.05
N PHE C 62 -28.26 -7.65 -4.63
CA PHE C 62 -26.89 -8.15 -4.56
C PHE C 62 -26.67 -8.85 -3.23
N SER C 63 -26.01 -10.01 -3.28
CA SER C 63 -25.73 -10.77 -2.08
C SER C 63 -24.45 -11.56 -2.29
N GLY C 64 -23.65 -11.67 -1.22
CA GLY C 64 -22.40 -12.39 -1.26
C GLY C 64 -22.40 -13.53 -0.25
N SER C 65 -21.63 -14.58 -0.57
CA SER C 65 -21.53 -15.74 0.30
C SER C 65 -20.16 -16.37 0.10
N GLY C 66 -19.81 -17.25 1.03
CA GLY C 66 -18.56 -18.00 0.96
C GLY C 66 -17.64 -17.70 2.12
N SER C 67 -16.65 -18.57 2.27
CA SER C 67 -15.63 -18.44 3.30
C SER C 67 -14.43 -19.29 2.92
N GLY C 68 -13.29 -18.96 3.51
CA GLY C 68 -12.07 -19.71 3.27
C GLY C 68 -11.50 -19.54 1.88
N THR C 69 -11.96 -20.36 0.93
CA THR C 69 -11.42 -20.38 -0.42
C THR C 69 -12.46 -20.09 -1.50
N ASP C 70 -13.70 -20.54 -1.32
CA ASP C 70 -14.74 -20.41 -2.34
C ASP C 70 -15.75 -19.36 -1.91
N PHE C 71 -16.04 -18.42 -2.82
CA PHE C 71 -16.96 -17.33 -2.56
C PHE C 71 -17.88 -17.17 -3.75
N THR C 72 -19.06 -16.57 -3.52
CA THR C 72 -20.07 -16.44 -4.55
C THR C 72 -20.77 -15.10 -4.44
N LEU C 73 -20.91 -14.41 -5.57
CA LEU C 73 -21.73 -13.21 -5.69
C LEU C 73 -23.00 -13.56 -6.45
N THR C 74 -24.15 -13.17 -5.91
CA THR C 74 -25.44 -13.54 -6.47
C THR C 74 -26.28 -12.30 -6.71
N ILE C 75 -26.83 -12.19 -7.91
CA ILE C 75 -27.80 -11.16 -8.26
C ILE C 75 -29.15 -11.87 -8.40
N SER C 76 -30.05 -11.61 -7.46
CA SER C 76 -31.29 -12.38 -7.40
C SER C 76 -32.20 -12.08 -8.59
N SER C 77 -32.35 -10.81 -8.94
CA SER C 77 -33.17 -10.41 -10.08
C SER C 77 -32.39 -9.39 -10.89
N LEU C 78 -31.87 -9.84 -12.04
CA LEU C 78 -30.98 -9.01 -12.84
C LEU C 78 -31.73 -7.82 -13.43
N GLN C 79 -31.07 -6.67 -13.44
CA GLN C 79 -31.62 -5.42 -13.94
C GLN C 79 -30.74 -4.86 -15.04
N PRO C 80 -31.29 -4.01 -15.91
CA PRO C 80 -30.48 -3.50 -17.04
C PRO C 80 -29.21 -2.77 -16.62
N GLU C 81 -29.21 -2.10 -15.47
CA GLU C 81 -28.02 -1.38 -15.03
C GLU C 81 -26.98 -2.29 -14.37
N ASP C 82 -27.33 -3.53 -14.07
CA ASP C 82 -26.39 -4.45 -13.42
C ASP C 82 -25.37 -5.04 -14.38
N PHE C 83 -25.58 -4.91 -15.70
CA PHE C 83 -24.68 -5.51 -16.66
C PHE C 83 -23.38 -4.71 -16.74
N ALA C 84 -22.28 -5.35 -16.34
CA ALA C 84 -20.96 -4.73 -16.32
C ALA C 84 -19.93 -5.83 -16.10
N THR C 85 -18.71 -5.45 -15.75
CA THR C 85 -17.67 -6.40 -15.38
C THR C 85 -17.50 -6.37 -13.87
N TYR C 86 -17.51 -7.56 -13.25
CA TYR C 86 -17.44 -7.69 -11.80
C TYR C 86 -16.11 -8.29 -11.38
N TYR C 87 -15.51 -7.73 -10.34
CA TYR C 87 -14.23 -8.17 -9.82
C TYR C 87 -14.33 -8.53 -8.34
N CYS C 88 -13.63 -9.59 -7.95
CA CYS C 88 -13.49 -9.94 -6.54
C CYS C 88 -12.10 -9.56 -6.04
N GLN C 89 -12.04 -9.18 -4.76
CA GLN C 89 -10.79 -8.79 -4.14
C GLN C 89 -10.67 -9.41 -2.76
N GLN C 90 -9.52 -10.00 -2.48
CA GLN C 90 -9.22 -10.49 -1.13
C GLN C 90 -8.54 -9.38 -0.33
N SER C 91 -8.78 -9.40 0.98
CA SER C 91 -8.13 -8.46 1.89
C SER C 91 -7.38 -9.17 3.00
N TYR C 92 -7.14 -10.48 2.85
CA TYR C 92 -6.42 -11.25 3.85
C TYR C 92 -4.91 -11.12 3.69
N SER C 93 -4.45 -11.06 2.44
CA SER C 93 -3.02 -11.06 2.16
C SER C 93 -2.44 -9.65 2.30
N THR C 94 -1.10 -9.59 2.33
CA THR C 94 -0.44 -8.28 2.36
C THR C 94 -0.58 -7.57 1.02
N PRO C 95 -0.36 -8.21 -0.14
CA PRO C 95 -0.80 -7.60 -1.40
C PRO C 95 -2.25 -7.97 -1.69
N TYR C 96 -3.00 -6.98 -2.16
CA TYR C 96 -4.44 -7.12 -2.37
C TYR C 96 -4.68 -7.35 -3.87
N THR C 97 -4.64 -8.61 -4.27
CA THR C 97 -4.79 -8.96 -5.69
C THR C 97 -6.26 -9.12 -6.05
N PHE C 98 -6.55 -8.86 -7.32
CA PHE C 98 -7.91 -8.97 -7.86
C PHE C 98 -8.01 -10.19 -8.77
N GLY C 99 -9.25 -10.63 -8.99
CA GLY C 99 -9.53 -11.69 -9.93
C GLY C 99 -9.50 -11.21 -11.37
N GLN C 100 -9.71 -12.14 -12.30
CA GLN C 100 -9.69 -11.80 -13.71
C GLN C 100 -10.91 -11.01 -14.14
N GLY C 101 -12.01 -11.09 -13.40
CA GLY C 101 -13.21 -10.35 -13.73
C GLY C 101 -14.21 -11.20 -14.49
N THR C 102 -15.47 -10.78 -14.44
CA THR C 102 -16.57 -11.48 -15.09
C THR C 102 -17.41 -10.47 -15.85
N LYS C 103 -17.40 -10.57 -17.18
CA LYS C 103 -18.20 -9.70 -18.03
C LYS C 103 -19.64 -10.21 -18.03
N LEU C 104 -20.58 -9.34 -17.69
CA LEU C 104 -22.00 -9.68 -17.68
C LEU C 104 -22.68 -9.00 -18.87
N GLU C 105 -23.35 -9.79 -19.69
CA GLU C 105 -23.94 -9.31 -20.93
C GLU C 105 -25.41 -9.70 -20.99
N ILE C 106 -26.12 -9.13 -21.96
CA ILE C 106 -27.55 -9.34 -22.14
C ILE C 106 -27.76 -10.37 -23.24
N LYS C 107 -28.59 -11.38 -22.96
CA LYS C 107 -28.92 -12.39 -23.95
C LYS C 107 -29.76 -11.77 -25.07
N ARG C 108 -29.59 -12.32 -26.28
CA ARG C 108 -30.33 -11.85 -27.44
C ARG C 108 -30.39 -12.98 -28.45
N THR C 109 -31.32 -12.86 -29.39
CA THR C 109 -31.42 -13.83 -30.48
C THR C 109 -30.15 -13.79 -31.33
N VAL C 110 -29.87 -14.91 -31.99
CA VAL C 110 -28.70 -14.99 -32.86
C VAL C 110 -28.88 -14.04 -34.03
N ALA C 111 -27.87 -13.21 -34.28
CA ALA C 111 -27.89 -12.25 -35.36
C ALA C 111 -26.67 -12.46 -36.25
N ALA C 112 -26.91 -12.70 -37.53
CA ALA C 112 -25.81 -12.86 -38.47
C ALA C 112 -25.24 -11.49 -38.84
N PRO C 113 -23.93 -11.42 -39.10
CA PRO C 113 -23.32 -10.13 -39.44
C PRO C 113 -23.54 -9.76 -40.90
N SER C 114 -23.79 -8.46 -41.12
CA SER C 114 -23.74 -7.91 -42.46
C SER C 114 -22.28 -7.55 -42.78
N VAL C 115 -21.74 -8.14 -43.84
CA VAL C 115 -20.33 -8.02 -44.15
C VAL C 115 -20.15 -6.97 -45.25
N PHE C 116 -19.24 -6.03 -45.03
CA PHE C 116 -18.89 -5.01 -46.00
C PHE C 116 -17.37 -4.93 -46.10
N ILE C 117 -16.90 -4.57 -47.29
CA ILE C 117 -15.47 -4.47 -47.56
C ILE C 117 -15.19 -3.10 -48.17
N PHE C 118 -14.06 -2.51 -47.78
CA PHE C 118 -13.69 -1.17 -48.22
C PHE C 118 -12.27 -1.20 -48.77
N PRO C 119 -12.07 -0.92 -50.05
CA PRO C 119 -10.71 -0.81 -50.59
C PRO C 119 -10.00 0.40 -50.01
N PRO C 120 -8.67 0.47 -50.12
CA PRO C 120 -7.98 1.67 -49.66
C PRO C 120 -8.33 2.88 -50.51
N SER C 121 -8.32 4.05 -49.87
CA SER C 121 -8.68 5.27 -50.56
C SER C 121 -7.58 5.69 -51.53
N ASP C 122 -7.96 6.51 -52.51
CA ASP C 122 -6.98 7.05 -53.44
C ASP C 122 -5.97 7.94 -52.73
N GLU C 123 -6.40 8.63 -51.67
CA GLU C 123 -5.50 9.51 -50.93
C GLU C 123 -4.44 8.71 -50.18
N GLN C 124 -4.77 7.51 -49.70
CA GLN C 124 -3.80 6.71 -48.97
C GLN C 124 -2.83 6.00 -49.90
N LEU C 125 -3.28 5.59 -51.10
CA LEU C 125 -2.40 4.87 -52.01
C LEU C 125 -1.27 5.75 -52.51
N LYS C 126 -1.50 7.06 -52.68
CA LYS C 126 -0.41 7.95 -53.02
C LYS C 126 0.51 8.23 -51.85
N SER C 127 0.11 7.86 -50.63
CA SER C 127 0.94 8.02 -49.44
C SER C 127 1.88 6.86 -49.21
N GLY C 128 1.72 5.76 -49.93
CA GLY C 128 2.61 4.61 -49.83
C GLY C 128 2.08 3.45 -49.00
N THR C 129 0.91 3.59 -48.40
CA THR C 129 0.33 2.54 -47.57
C THR C 129 -1.04 2.17 -48.12
N ALA C 130 -1.44 0.91 -47.91
CA ALA C 130 -2.74 0.41 -48.36
C ALA C 130 -3.42 -0.26 -47.18
N SER C 131 -4.65 0.17 -46.88
CA SER C 131 -5.44 -0.39 -45.79
C SER C 131 -6.78 -0.87 -46.34
N VAL C 132 -7.00 -2.18 -46.27
CA VAL C 132 -8.26 -2.78 -46.67
C VAL C 132 -9.06 -3.08 -45.41
N VAL C 133 -10.32 -2.66 -45.40
CA VAL C 133 -11.17 -2.72 -44.21
C VAL C 133 -12.34 -3.65 -44.50
N CYS C 134 -12.56 -4.61 -43.61
CA CYS C 134 -13.71 -5.50 -43.66
C CYS C 134 -14.56 -5.26 -42.42
N LEU C 135 -15.85 -5.00 -42.62
CA LEU C 135 -16.75 -4.60 -41.55
C LEU C 135 -17.77 -5.70 -41.30
N LEU C 136 -17.84 -6.16 -40.04
CA LEU C 136 -18.88 -7.06 -39.57
C LEU C 136 -19.78 -6.24 -38.65
N ASN C 137 -20.99 -5.95 -39.13
CA ASN C 137 -21.89 -5.01 -38.44
C ASN C 137 -23.10 -5.75 -37.87
N ASN C 138 -23.38 -5.47 -36.60
CA ASN C 138 -24.60 -5.92 -35.92
C ASN C 138 -24.76 -7.43 -35.97
N PHE C 139 -24.01 -8.13 -35.11
CA PHE C 139 -24.09 -9.58 -35.02
C PHE C 139 -24.11 -10.00 -33.56
N TYR C 140 -24.51 -11.26 -33.35
CA TYR C 140 -24.56 -11.87 -32.03
C TYR C 140 -24.58 -13.38 -32.24
N PRO C 141 -23.84 -14.16 -31.45
CA PRO C 141 -22.97 -13.79 -30.31
C PRO C 141 -21.66 -13.11 -30.72
N ARG C 142 -20.80 -12.85 -29.73
CA ARG C 142 -19.58 -12.11 -29.99
C ARG C 142 -18.57 -12.92 -30.79
N GLU C 143 -18.58 -14.24 -30.66
CA GLU C 143 -17.60 -15.08 -31.34
C GLU C 143 -17.75 -14.98 -32.85
N ALA C 144 -16.70 -14.50 -33.51
CA ALA C 144 -16.69 -14.39 -34.97
C ALA C 144 -15.26 -14.55 -35.45
N LYS C 145 -15.11 -15.11 -36.65
CA LYS C 145 -13.81 -15.36 -37.26
C LYS C 145 -13.73 -14.63 -38.59
N VAL C 146 -12.65 -13.87 -38.78
CA VAL C 146 -12.40 -13.14 -40.01
C VAL C 146 -11.08 -13.62 -40.59
N GLN C 147 -11.11 -14.06 -41.85
CA GLN C 147 -9.94 -14.56 -42.55
C GLN C 147 -9.74 -13.79 -43.83
N TRP C 148 -8.52 -13.30 -44.04
CA TRP C 148 -8.17 -12.52 -45.22
C TRP C 148 -7.53 -13.41 -46.28
N LYS C 149 -7.89 -13.16 -47.53
CA LYS C 149 -7.33 -13.88 -48.67
C LYS C 149 -7.00 -12.88 -49.76
N VAL C 150 -5.74 -12.88 -50.20
CA VAL C 150 -5.27 -12.01 -51.28
C VAL C 150 -4.80 -12.92 -52.41
N ASP C 151 -5.54 -12.91 -53.52
CA ASP C 151 -5.32 -13.86 -54.62
C ASP C 151 -5.39 -15.30 -54.11
N ASN C 152 -6.41 -15.57 -53.30
CA ASN C 152 -6.66 -16.86 -52.66
C ASN C 152 -5.55 -17.29 -51.70
N ALA C 153 -4.67 -16.37 -51.33
CA ALA C 153 -3.57 -16.66 -50.41
C ALA C 153 -3.94 -16.22 -49.01
N LEU C 154 -3.77 -17.11 -48.04
CA LEU C 154 -4.13 -16.82 -46.66
C LEU C 154 -3.19 -15.76 -46.08
N GLN C 155 -3.77 -14.71 -45.50
CA GLN C 155 -3.01 -13.68 -44.82
C GLN C 155 -2.93 -13.97 -43.33
N SER C 156 -1.79 -13.63 -42.73
CA SER C 156 -1.57 -13.86 -41.31
C SER C 156 -0.57 -12.85 -40.79
N GLY C 157 -0.87 -12.31 -39.60
CA GLY C 157 0.01 -11.36 -38.96
C GLY C 157 -0.05 -9.95 -39.49
N ASN C 158 -0.77 -9.70 -40.58
CA ASN C 158 -0.89 -8.37 -41.16
C ASN C 158 -2.31 -7.82 -41.04
N SER C 159 -3.13 -8.40 -40.18
CA SER C 159 -4.49 -7.93 -39.95
C SER C 159 -4.67 -7.60 -38.48
N GLN C 160 -5.51 -6.61 -38.21
CA GLN C 160 -5.81 -6.18 -36.85
C GLN C 160 -7.32 -6.06 -36.69
N GLU C 161 -7.83 -6.59 -35.57
CA GLU C 161 -9.26 -6.61 -35.31
C GLU C 161 -9.59 -5.75 -34.09
N SER C 162 -10.76 -5.12 -34.14
CA SER C 162 -11.26 -4.29 -33.04
C SER C 162 -12.77 -4.47 -32.98
N VAL C 163 -13.27 -4.85 -31.81
CA VAL C 163 -14.68 -5.13 -31.60
C VAL C 163 -15.25 -4.10 -30.63
N THR C 164 -16.42 -3.55 -30.97
CA THR C 164 -17.09 -2.62 -30.10
C THR C 164 -17.79 -3.36 -28.96
N GLU C 165 -18.19 -2.61 -27.93
CA GLU C 165 -18.95 -3.21 -26.85
C GLU C 165 -20.39 -3.43 -27.29
N GLN C 166 -21.17 -4.07 -26.42
CA GLN C 166 -22.55 -4.40 -26.73
C GLN C 166 -23.38 -3.12 -26.89
N ASP C 167 -24.15 -3.05 -27.97
CA ASP C 167 -24.96 -1.87 -28.24
C ASP C 167 -26.05 -1.73 -27.19
N SER C 168 -26.31 -0.49 -26.78
CA SER C 168 -27.31 -0.21 -25.77
C SER C 168 -28.74 -0.26 -26.30
N LYS C 169 -28.91 -0.32 -27.62
CA LYS C 169 -30.24 -0.30 -28.23
C LYS C 169 -30.66 -1.67 -28.75
N ASP C 170 -29.79 -2.36 -29.50
CA ASP C 170 -30.12 -3.64 -30.09
C ASP C 170 -29.25 -4.78 -29.60
N SER C 171 -28.30 -4.53 -28.70
CA SER C 171 -27.51 -5.55 -28.02
C SER C 171 -26.58 -6.31 -28.94
N THR C 172 -26.32 -5.81 -30.15
CA THR C 172 -25.44 -6.50 -31.08
C THR C 172 -24.02 -5.98 -30.98
N TYR C 173 -23.09 -6.77 -31.52
CA TYR C 173 -21.68 -6.38 -31.60
C TYR C 173 -21.33 -5.99 -33.03
N SER C 174 -20.23 -5.25 -33.15
CA SER C 174 -19.68 -4.88 -34.46
C SER C 174 -18.17 -5.05 -34.41
N LEU C 175 -17.61 -5.57 -35.49
CA LEU C 175 -16.19 -5.87 -35.57
C LEU C 175 -15.59 -5.22 -36.81
N SER C 176 -14.38 -4.69 -36.67
CA SER C 176 -13.64 -4.08 -37.76
C SER C 176 -12.30 -4.80 -37.91
N SER C 177 -12.02 -5.29 -39.12
CA SER C 177 -10.76 -5.94 -39.44
C SER C 177 -10.04 -5.12 -40.49
N THR C 178 -8.83 -4.67 -40.18
CA THR C 178 -8.06 -3.80 -41.06
C THR C 178 -6.81 -4.55 -41.51
N LEU C 179 -6.74 -4.83 -42.81
CA LEU C 179 -5.55 -5.41 -43.42
C LEU C 179 -4.64 -4.30 -43.93
N THR C 180 -3.37 -4.36 -43.52
CA THR C 180 -2.40 -3.32 -43.86
C THR C 180 -1.30 -3.91 -44.73
N LEU C 181 -1.07 -3.29 -45.89
CA LEU C 181 -0.01 -3.69 -46.80
C LEU C 181 0.69 -2.45 -47.30
N SER C 182 1.88 -2.65 -47.88
CA SER C 182 2.54 -1.55 -48.57
C SER C 182 1.90 -1.32 -49.93
N LYS C 183 2.15 -0.15 -50.50
CA LYS C 183 1.62 0.17 -51.82
C LYS C 183 2.21 -0.75 -52.89
N ALA C 184 3.50 -1.09 -52.74
CA ALA C 184 4.14 -1.99 -53.70
C ALA C 184 3.56 -3.40 -53.60
N ASP C 185 3.36 -3.90 -52.38
CA ASP C 185 2.72 -5.20 -52.20
C ASP C 185 1.27 -5.17 -52.68
N TYR C 186 0.56 -4.07 -52.40
CA TYR C 186 -0.78 -3.92 -52.95
C TYR C 186 -0.76 -3.85 -54.46
N GLU C 187 0.33 -3.35 -55.05
CA GLU C 187 0.38 -3.22 -56.50
C GLU C 187 0.67 -4.54 -57.18
N LYS C 188 1.08 -5.56 -56.42
CA LYS C 188 1.47 -6.83 -57.01
C LYS C 188 0.31 -7.80 -57.17
N HIS C 189 -0.79 -7.59 -56.44
CA HIS C 189 -1.91 -8.51 -56.44
C HIS C 189 -3.16 -7.85 -57.01
N LYS C 190 -4.18 -8.67 -57.28
CA LYS C 190 -5.39 -8.22 -57.94
C LYS C 190 -6.65 -8.49 -57.15
N VAL C 191 -6.80 -9.66 -56.55
CA VAL C 191 -8.02 -10.07 -55.88
C VAL C 191 -7.84 -9.94 -54.38
N TYR C 192 -8.76 -9.22 -53.73
CA TYR C 192 -8.75 -9.06 -52.28
C TYR C 192 -10.10 -9.54 -51.74
N ALA C 193 -10.05 -10.45 -50.77
CA ALA C 193 -11.27 -11.10 -50.28
C ALA C 193 -11.24 -11.14 -48.75
N CYS C 194 -12.43 -11.04 -48.17
CA CYS C 194 -12.64 -11.13 -46.73
C CYS C 194 -13.63 -12.26 -46.45
N GLU C 195 -13.22 -13.25 -45.67
CA GLU C 195 -14.06 -14.39 -45.33
C GLU C 195 -14.52 -14.25 -43.89
N VAL C 196 -15.82 -14.46 -43.66
CA VAL C 196 -16.43 -14.30 -42.34
C VAL C 196 -17.12 -15.61 -41.97
N THR C 197 -16.81 -16.12 -40.79
CA THR C 197 -17.46 -17.30 -40.24
C THR C 197 -18.18 -16.92 -38.95
N HIS C 198 -19.46 -17.27 -38.86
CA HIS C 198 -20.26 -16.95 -37.69
C HIS C 198 -21.40 -17.95 -37.60
N GLN C 199 -21.79 -18.29 -36.37
CA GLN C 199 -22.81 -19.30 -36.16
C GLN C 199 -24.18 -18.88 -36.69
N GLY C 200 -24.39 -17.57 -36.86
CA GLY C 200 -25.59 -17.06 -37.48
C GLY C 200 -25.63 -17.21 -38.99
N LEU C 201 -24.53 -17.65 -39.59
CA LEU C 201 -24.45 -17.87 -41.03
C LEU C 201 -24.46 -19.36 -41.33
N SER C 202 -25.32 -19.76 -42.28
CA SER C 202 -25.38 -21.17 -42.65
C SER C 202 -24.08 -21.66 -43.25
N SER C 203 -23.37 -20.78 -43.95
CA SER C 203 -22.08 -21.10 -44.55
C SER C 203 -21.23 -19.83 -44.49
N PRO C 204 -19.90 -19.96 -44.44
CA PRO C 204 -19.04 -18.77 -44.43
C PRO C 204 -19.34 -17.85 -45.59
N VAL C 205 -19.62 -16.58 -45.27
CA VAL C 205 -19.90 -15.55 -46.26
C VAL C 205 -18.62 -14.78 -46.56
N THR C 206 -18.28 -14.67 -47.83
CA THR C 206 -17.07 -13.99 -48.27
C THR C 206 -17.43 -12.80 -49.13
N LYS C 207 -16.87 -11.64 -48.79
CA LYS C 207 -16.99 -10.43 -49.59
C LYS C 207 -15.63 -10.09 -50.19
N SER C 208 -15.62 -9.75 -51.47
CA SER C 208 -14.36 -9.51 -52.18
C SER C 208 -14.55 -8.39 -53.19
N PHE C 209 -13.42 -7.87 -53.67
CA PHE C 209 -13.42 -6.89 -54.74
C PHE C 209 -12.16 -7.09 -55.57
N ASN C 210 -12.26 -6.79 -56.86
CA ASN C 210 -11.10 -6.77 -57.74
C ASN C 210 -10.52 -5.38 -57.73
N ARG C 211 -9.19 -5.28 -57.65
CA ARG C 211 -8.54 -3.99 -57.54
C ARG C 211 -8.81 -3.16 -58.77
N GLY C 212 -9.25 -1.92 -58.58
CA GLY C 212 -9.50 -1.06 -59.71
C GLY C 212 -10.78 -1.35 -60.45
N GLU C 213 -11.68 -2.13 -59.85
CA GLU C 213 -12.94 -2.48 -60.47
C GLU C 213 -14.05 -1.62 -59.91
N CYS C 214 -14.80 -0.96 -60.79
CA CYS C 214 -15.91 -0.09 -60.39
C CYS C 214 -16.88 0.11 -61.54
#